data_3LYW
# 
_entry.id   3LYW 
# 
_audit_conform.dict_name       mmcif_pdbx.dic 
_audit_conform.dict_version    5.398 
_audit_conform.dict_location   http://mmcif.pdb.org/dictionaries/ascii/mmcif_pdbx.dic 
# 
loop_
_database_2.database_id 
_database_2.database_code 
_database_2.pdbx_database_accession 
_database_2.pdbx_DOI 
PDB   3LYW         pdb_00003lyw 10.2210/pdb3lyw/pdb 
RCSB  RCSB057899   ?            ?                   
WWPDB D_1000057899 ?            ?                   
# 
loop_
_pdbx_audit_revision_history.ordinal 
_pdbx_audit_revision_history.data_content_type 
_pdbx_audit_revision_history.major_revision 
_pdbx_audit_revision_history.minor_revision 
_pdbx_audit_revision_history.revision_date 
1 'Structure model' 1 0 2010-04-07 
2 'Structure model' 1 1 2011-07-13 
3 'Structure model' 1 2 2024-11-06 
# 
_pdbx_audit_revision_details.ordinal             1 
_pdbx_audit_revision_details.revision_ordinal    1 
_pdbx_audit_revision_details.data_content_type   'Structure model' 
_pdbx_audit_revision_details.provider            repository 
_pdbx_audit_revision_details.type                'Initial release' 
_pdbx_audit_revision_details.description         ? 
_pdbx_audit_revision_details.details             ? 
# 
loop_
_pdbx_audit_revision_group.ordinal 
_pdbx_audit_revision_group.revision_ordinal 
_pdbx_audit_revision_group.data_content_type 
_pdbx_audit_revision_group.group 
1 2 'Structure model' 'Version format compliance' 
2 3 'Structure model' 'Data collection'           
3 3 'Structure model' 'Database references'       
4 3 'Structure model' 'Derived calculations'      
5 3 'Structure model' 'Structure summary'         
# 
loop_
_pdbx_audit_revision_category.ordinal 
_pdbx_audit_revision_category.revision_ordinal 
_pdbx_audit_revision_category.data_content_type 
_pdbx_audit_revision_category.category 
1 3 'Structure model' chem_comp_atom            
2 3 'Structure model' chem_comp_bond            
3 3 'Structure model' database_2                
4 3 'Structure model' pdbx_entry_details        
5 3 'Structure model' pdbx_modification_feature 
6 3 'Structure model' struct_conn               
7 3 'Structure model' struct_ref_seq_dif        
# 
loop_
_pdbx_audit_revision_item.ordinal 
_pdbx_audit_revision_item.revision_ordinal 
_pdbx_audit_revision_item.data_content_type 
_pdbx_audit_revision_item.item 
1 3 'Structure model' '_database_2.pdbx_DOI'                
2 3 'Structure model' '_database_2.pdbx_database_accession' 
3 3 'Structure model' '_struct_conn.pdbx_leaving_atom_flag' 
4 3 'Structure model' '_struct_ref_seq_dif.details'         
# 
_pdbx_database_status.status_code                     REL 
_pdbx_database_status.entry_id                        3LYW 
_pdbx_database_status.recvd_initial_deposition_date   2010-02-28 
_pdbx_database_status.deposit_site                    RCSB 
_pdbx_database_status.process_site                    RCSB 
_pdbx_database_status.status_code_sf                  REL 
_pdbx_database_status.status_code_mr                  ? 
_pdbx_database_status.SG_entry                        Y 
_pdbx_database_status.pdb_format_compatible           Y 
_pdbx_database_status.status_code_cs                  ? 
_pdbx_database_status.status_code_nmr_data            ? 
_pdbx_database_status.methods_development_category    ? 
# 
_pdbx_database_related.db_name        TargetDB 
_pdbx_database_related.db_id          DhR29B 
_pdbx_database_related.details        . 
_pdbx_database_related.content_type   unspecified 
# 
loop_
_audit_author.name 
_audit_author.pdbx_ordinal 
'Seetharaman, J.'                                 1  
'Lew, S.'                                         2  
'Wang, D.'                                        3  
'Janjua, H.'                                      4  
'Cunningham, K.'                                  5  
'Owens, L.'                                       6  
'Xiao, R.'                                        7  
'Liu, J.'                                         8  
'Baran, M.C.'                                     9  
'Acton, T.B.'                                     10 
'Montelione, G.T.'                                11 
'Hunt, J.F.'                                      12 
'Tong, L.'                                        13 
'Northeast Structural Genomics Consortium (NESG)' 14 
# 
_citation.id                        primary 
_citation.title                     
;Crystal structure of YbbR family protein Dhaf_0833 from Desulfitobacterium hafniense DCB-2. Northeast Structural Genomics Consortium target id DhR29B
;
_citation.journal_abbrev            'To be Published' 
_citation.journal_volume            ? 
_citation.page_first                ? 
_citation.page_last                 ? 
_citation.year                      ? 
_citation.journal_id_ASTM           ? 
_citation.country                   ? 
_citation.journal_id_ISSN           ? 
_citation.journal_id_CSD            0353 
_citation.book_publisher            ? 
_citation.pdbx_database_id_PubMed   ? 
_citation.pdbx_database_id_DOI      ? 
# 
loop_
_citation_author.citation_id 
_citation_author.name 
_citation_author.ordinal 
_citation_author.identifier_ORCID 
primary 'Seetharaman, J.'  1  ? 
primary 'Lew, S.'          2  ? 
primary 'Wang, D.'         3  ? 
primary 'Janjua, H.'       4  ? 
primary 'Cunningham, K.'   5  ? 
primary 'Owens, L.'        6  ? 
primary 'Xiao, R.'         7  ? 
primary 'Liu, J.'          8  ? 
primary 'Baran, M.C.'      9  ? 
primary 'Acton, T.B.'      10 ? 
primary 'Montelione, G.T.' 11 ? 
primary 'Hunt, J.F.'       12 ? 
primary 'Tong, L.'         13 ? 
# 
loop_
_entity.id 
_entity.type 
_entity.src_method 
_entity.pdbx_description 
_entity.formula_weight 
_entity.pdbx_number_of_molecules 
_entity.pdbx_ec 
_entity.pdbx_mutation 
_entity.pdbx_fragment 
_entity.details 
1 polymer man 'YbbR family protein' 10253.337 1  ? ? 'sequence database residues 37-120' ? 
2 water   nat water                 18.015    83 ? ? ?                                   ? 
# 
_entity_poly.entity_id                      1 
_entity_poly.type                           'polypeptide(L)' 
_entity_poly.nstd_linkage                   no 
_entity_poly.nstd_monomer                   yes 
_entity_poly.pdbx_seq_one_letter_code       
;RDPTLTLSLIAKNTPANS(MSE)I(MSE)TKLPSVRVKTEGYNPSINVNELFAYVDLSGSEPGEHDYEVKVEPIPNIKIV
EISPRVVTLQLEHHHHHH
;
_entity_poly.pdbx_seq_one_letter_code_can   
;RDPTLTLSLIAKNTPANSMIMTKLPSVRVKTEGYNPSINVNELFAYVDLSGSEPGEHDYEVKVEPIPNIKIVEISPRVVT
LQLEHHHHHH
;
_entity_poly.pdbx_strand_id                 A 
_entity_poly.pdbx_target_identifier         DhR29B 
# 
_pdbx_entity_nonpoly.entity_id   2 
_pdbx_entity_nonpoly.name        water 
_pdbx_entity_nonpoly.comp_id     HOH 
# 
loop_
_entity_poly_seq.entity_id 
_entity_poly_seq.num 
_entity_poly_seq.mon_id 
_entity_poly_seq.hetero 
1 1  ARG n 
1 2  ASP n 
1 3  PRO n 
1 4  THR n 
1 5  LEU n 
1 6  THR n 
1 7  LEU n 
1 8  SER n 
1 9  LEU n 
1 10 ILE n 
1 11 ALA n 
1 12 LYS n 
1 13 ASN n 
1 14 THR n 
1 15 PRO n 
1 16 ALA n 
1 17 ASN n 
1 18 SER n 
1 19 MSE n 
1 20 ILE n 
1 21 MSE n 
1 22 THR n 
1 23 LYS n 
1 24 LEU n 
1 25 PRO n 
1 26 SER n 
1 27 VAL n 
1 28 ARG n 
1 29 VAL n 
1 30 LYS n 
1 31 THR n 
1 32 GLU n 
1 33 GLY n 
1 34 TYR n 
1 35 ASN n 
1 36 PRO n 
1 37 SER n 
1 38 ILE n 
1 39 ASN n 
1 40 VAL n 
1 41 ASN n 
1 42 GLU n 
1 43 LEU n 
1 44 PHE n 
1 45 ALA n 
1 46 TYR n 
1 47 VAL n 
1 48 ASP n 
1 49 LEU n 
1 50 SER n 
1 51 GLY n 
1 52 SER n 
1 53 GLU n 
1 54 PRO n 
1 55 GLY n 
1 56 GLU n 
1 57 HIS n 
1 58 ASP n 
1 59 TYR n 
1 60 GLU n 
1 61 VAL n 
1 62 LYS n 
1 63 VAL n 
1 64 GLU n 
1 65 PRO n 
1 66 ILE n 
1 67 PRO n 
1 68 ASN n 
1 69 ILE n 
1 70 LYS n 
1 71 ILE n 
1 72 VAL n 
1 73 GLU n 
1 74 ILE n 
1 75 SER n 
1 76 PRO n 
1 77 ARG n 
1 78 VAL n 
1 79 VAL n 
1 80 THR n 
1 81 LEU n 
1 82 GLN n 
1 83 LEU n 
1 84 GLU n 
1 85 HIS n 
1 86 HIS n 
1 87 HIS n 
1 88 HIS n 
1 89 HIS n 
1 90 HIS n 
# 
_entity_src_gen.entity_id                          1 
_entity_src_gen.pdbx_src_id                        1 
_entity_src_gen.pdbx_alt_source_flag               sample 
_entity_src_gen.pdbx_seq_type                      ? 
_entity_src_gen.pdbx_beg_seq_num                   ? 
_entity_src_gen.pdbx_end_seq_num                   ? 
_entity_src_gen.gene_src_common_name               ? 
_entity_src_gen.gene_src_genus                     ? 
_entity_src_gen.pdbx_gene_src_gene                 Dhaf_0833 
_entity_src_gen.gene_src_species                   ? 
_entity_src_gen.gene_src_strain                    'DCB-2 / DSM 10664' 
_entity_src_gen.gene_src_tissue                    ? 
_entity_src_gen.gene_src_tissue_fraction           ? 
_entity_src_gen.gene_src_details                   ? 
_entity_src_gen.pdbx_gene_src_fragment             ? 
_entity_src_gen.pdbx_gene_src_scientific_name      'Desulfitobacterium hafniense' 
_entity_src_gen.pdbx_gene_src_ncbi_taxonomy_id     272564 
_entity_src_gen.pdbx_gene_src_variant              ? 
_entity_src_gen.pdbx_gene_src_cell_line            ? 
_entity_src_gen.pdbx_gene_src_atcc                 ? 
_entity_src_gen.pdbx_gene_src_organ                ? 
_entity_src_gen.pdbx_gene_src_organelle            ? 
_entity_src_gen.pdbx_gene_src_cell                 ? 
_entity_src_gen.pdbx_gene_src_cellular_location    ? 
_entity_src_gen.host_org_common_name               ? 
_entity_src_gen.pdbx_host_org_scientific_name      'Escherichia coli' 
_entity_src_gen.pdbx_host_org_ncbi_taxonomy_id     562 
_entity_src_gen.host_org_genus                     ? 
_entity_src_gen.pdbx_host_org_gene                 ? 
_entity_src_gen.pdbx_host_org_organ                ? 
_entity_src_gen.host_org_species                   ? 
_entity_src_gen.pdbx_host_org_tissue               ? 
_entity_src_gen.pdbx_host_org_tissue_fraction      ? 
_entity_src_gen.pdbx_host_org_strain               ? 
_entity_src_gen.pdbx_host_org_variant              ? 
_entity_src_gen.pdbx_host_org_cell_line            ? 
_entity_src_gen.pdbx_host_org_atcc                 ? 
_entity_src_gen.pdbx_host_org_culture_collection   ? 
_entity_src_gen.pdbx_host_org_cell                 ? 
_entity_src_gen.pdbx_host_org_organelle            ? 
_entity_src_gen.pdbx_host_org_cellular_location    ? 
_entity_src_gen.pdbx_host_org_vector_type          ? 
_entity_src_gen.pdbx_host_org_vector               ? 
_entity_src_gen.host_org_details                   ? 
_entity_src_gen.expression_system_id               ? 
_entity_src_gen.plasmid_name                       ? 
_entity_src_gen.plasmid_details                    ? 
_entity_src_gen.pdbx_description                   ? 
# 
loop_
_chem_comp.id 
_chem_comp.type 
_chem_comp.mon_nstd_flag 
_chem_comp.name 
_chem_comp.pdbx_synonyms 
_chem_comp.formula 
_chem_comp.formula_weight 
ALA 'L-peptide linking' y ALANINE          ? 'C3 H7 N O2'     89.093  
ARG 'L-peptide linking' y ARGININE         ? 'C6 H15 N4 O2 1' 175.209 
ASN 'L-peptide linking' y ASPARAGINE       ? 'C4 H8 N2 O3'    132.118 
ASP 'L-peptide linking' y 'ASPARTIC ACID'  ? 'C4 H7 N O4'     133.103 
GLN 'L-peptide linking' y GLUTAMINE        ? 'C5 H10 N2 O3'   146.144 
GLU 'L-peptide linking' y 'GLUTAMIC ACID'  ? 'C5 H9 N O4'     147.129 
GLY 'peptide linking'   y GLYCINE          ? 'C2 H5 N O2'     75.067  
HIS 'L-peptide linking' y HISTIDINE        ? 'C6 H10 N3 O2 1' 156.162 
HOH non-polymer         . WATER            ? 'H2 O'           18.015  
ILE 'L-peptide linking' y ISOLEUCINE       ? 'C6 H13 N O2'    131.173 
LEU 'L-peptide linking' y LEUCINE          ? 'C6 H13 N O2'    131.173 
LYS 'L-peptide linking' y LYSINE           ? 'C6 H15 N2 O2 1' 147.195 
MSE 'L-peptide linking' n SELENOMETHIONINE ? 'C5 H11 N O2 Se' 196.106 
PHE 'L-peptide linking' y PHENYLALANINE    ? 'C9 H11 N O2'    165.189 
PRO 'L-peptide linking' y PROLINE          ? 'C5 H9 N O2'     115.130 
SER 'L-peptide linking' y SERINE           ? 'C3 H7 N O3'     105.093 
THR 'L-peptide linking' y THREONINE        ? 'C4 H9 N O3'     119.119 
TYR 'L-peptide linking' y TYROSINE         ? 'C9 H11 N O3'    181.189 
VAL 'L-peptide linking' y VALINE           ? 'C5 H11 N O2'    117.146 
# 
loop_
_pdbx_poly_seq_scheme.asym_id 
_pdbx_poly_seq_scheme.entity_id 
_pdbx_poly_seq_scheme.seq_id 
_pdbx_poly_seq_scheme.mon_id 
_pdbx_poly_seq_scheme.ndb_seq_num 
_pdbx_poly_seq_scheme.pdb_seq_num 
_pdbx_poly_seq_scheme.auth_seq_num 
_pdbx_poly_seq_scheme.pdb_mon_id 
_pdbx_poly_seq_scheme.auth_mon_id 
_pdbx_poly_seq_scheme.pdb_strand_id 
_pdbx_poly_seq_scheme.pdb_ins_code 
_pdbx_poly_seq_scheme.hetero 
A 1 1  ARG 1  1  1  ARG ARG A . n 
A 1 2  ASP 2  2  2  ASP ASP A . n 
A 1 3  PRO 3  3  3  PRO PRO A . n 
A 1 4  THR 4  4  4  THR THR A . n 
A 1 5  LEU 5  5  5  LEU LEU A . n 
A 1 6  THR 6  6  6  THR THR A . n 
A 1 7  LEU 7  7  7  LEU LEU A . n 
A 1 8  SER 8  8  8  SER SER A . n 
A 1 9  LEU 9  9  9  LEU LEU A . n 
A 1 10 ILE 10 10 10 ILE ILE A . n 
A 1 11 ALA 11 11 11 ALA ALA A . n 
A 1 12 LYS 12 12 12 LYS LYS A . n 
A 1 13 ASN 13 13 13 ASN ASN A . n 
A 1 14 THR 14 14 14 THR THR A . n 
A 1 15 PRO 15 15 15 PRO PRO A . n 
A 1 16 ALA 16 16 16 ALA ALA A . n 
A 1 17 ASN 17 17 17 ASN ASN A . n 
A 1 18 SER 18 18 18 SER SER A . n 
A 1 19 MSE 19 19 19 MSE MSE A . n 
A 1 20 ILE 20 20 20 ILE ILE A . n 
A 1 21 MSE 21 21 21 MSE MSE A . n 
A 1 22 THR 22 22 22 THR THR A . n 
A 1 23 LYS 23 23 23 LYS LYS A . n 
A 1 24 LEU 24 24 24 LEU LEU A . n 
A 1 25 PRO 25 25 25 PRO PRO A . n 
A 1 26 SER 26 26 26 SER SER A . n 
A 1 27 VAL 27 27 27 VAL VAL A . n 
A 1 28 ARG 28 28 28 ARG ARG A . n 
A 1 29 VAL 29 29 29 VAL VAL A . n 
A 1 30 LYS 30 30 30 LYS LYS A . n 
A 1 31 THR 31 31 31 THR THR A . n 
A 1 32 GLU 32 32 32 GLU GLU A . n 
A 1 33 GLY 33 33 33 GLY GLY A . n 
A 1 34 TYR 34 34 34 TYR TYR A . n 
A 1 35 ASN 35 35 35 ASN ASN A . n 
A 1 36 PRO 36 36 36 PRO PRO A . n 
A 1 37 SER 37 37 37 SER SER A . n 
A 1 38 ILE 38 38 38 ILE ILE A . n 
A 1 39 ASN 39 39 39 ASN ASN A . n 
A 1 40 VAL 40 40 40 VAL VAL A . n 
A 1 41 ASN 41 41 41 ASN ASN A . n 
A 1 42 GLU 42 42 42 GLU GLU A . n 
A 1 43 LEU 43 43 43 LEU LEU A . n 
A 1 44 PHE 44 44 44 PHE PHE A . n 
A 1 45 ALA 45 45 45 ALA ALA A . n 
A 1 46 TYR 46 46 46 TYR TYR A . n 
A 1 47 VAL 47 47 47 VAL VAL A . n 
A 1 48 ASP 48 48 48 ASP ASP A . n 
A 1 49 LEU 49 49 49 LEU LEU A . n 
A 1 50 SER 50 50 50 SER SER A . n 
A 1 51 GLY 51 51 51 GLY GLY A . n 
A 1 52 SER 52 52 52 SER SER A . n 
A 1 53 GLU 53 53 53 GLU GLU A . n 
A 1 54 PRO 54 54 54 PRO PRO A . n 
A 1 55 GLY 55 55 55 GLY GLY A . n 
A 1 56 GLU 56 56 56 GLU GLU A . n 
A 1 57 HIS 57 57 57 HIS HIS A . n 
A 1 58 ASP 58 58 58 ASP ASP A . n 
A 1 59 TYR 59 59 59 TYR TYR A . n 
A 1 60 GLU 60 60 60 GLU GLU A . n 
A 1 61 VAL 61 61 61 VAL VAL A . n 
A 1 62 LYS 62 62 62 LYS LYS A . n 
A 1 63 VAL 63 63 63 VAL VAL A . n 
A 1 64 GLU 64 64 64 GLU GLU A . n 
A 1 65 PRO 65 65 65 PRO PRO A . n 
A 1 66 ILE 66 66 66 ILE ILE A . n 
A 1 67 PRO 67 67 67 PRO PRO A . n 
A 1 68 ASN 68 68 68 ASN ASN A . n 
A 1 69 ILE 69 69 69 ILE ILE A . n 
A 1 70 LYS 70 70 70 LYS LYS A . n 
A 1 71 ILE 71 71 71 ILE ILE A . n 
A 1 72 VAL 72 72 72 VAL VAL A . n 
A 1 73 GLU 73 73 73 GLU GLU A . n 
A 1 74 ILE 74 74 74 ILE ILE A . n 
A 1 75 SER 75 75 75 SER SER A . n 
A 1 76 PRO 76 76 76 PRO PRO A . n 
A 1 77 ARG 77 77 77 ARG ARG A . n 
A 1 78 VAL 78 78 78 VAL VAL A . n 
A 1 79 VAL 79 79 79 VAL VAL A . n 
A 1 80 THR 80 80 80 THR THR A . n 
A 1 81 LEU 81 81 81 LEU LEU A . n 
A 1 82 GLN 82 82 82 GLN GLN A . n 
A 1 83 LEU 83 83 83 LEU LEU A . n 
A 1 84 GLU 84 84 84 GLU GLU A . n 
A 1 85 HIS 85 85 85 HIS HIS A . n 
A 1 86 HIS 86 86 86 HIS HIS A . n 
A 1 87 HIS 87 87 ?  ?   ?   A . n 
A 1 88 HIS 88 88 ?  ?   ?   A . n 
A 1 89 HIS 89 89 ?  ?   ?   A . n 
A 1 90 HIS 90 90 ?  ?   ?   A . n 
# 
loop_
_pdbx_nonpoly_scheme.asym_id 
_pdbx_nonpoly_scheme.entity_id 
_pdbx_nonpoly_scheme.mon_id 
_pdbx_nonpoly_scheme.ndb_seq_num 
_pdbx_nonpoly_scheme.pdb_seq_num 
_pdbx_nonpoly_scheme.auth_seq_num 
_pdbx_nonpoly_scheme.pdb_mon_id 
_pdbx_nonpoly_scheme.auth_mon_id 
_pdbx_nonpoly_scheme.pdb_strand_id 
_pdbx_nonpoly_scheme.pdb_ins_code 
B 2 HOH 1  91  1  HOH TIP A . 
B 2 HOH 2  92  2  HOH TIP A . 
B 2 HOH 3  93  3  HOH TIP A . 
B 2 HOH 4  94  4  HOH TIP A . 
B 2 HOH 5  95  5  HOH TIP A . 
B 2 HOH 6  96  6  HOH TIP A . 
B 2 HOH 7  97  7  HOH TIP A . 
B 2 HOH 8  98  8  HOH TIP A . 
B 2 HOH 9  99  9  HOH TIP A . 
B 2 HOH 10 100 10 HOH TIP A . 
B 2 HOH 11 101 11 HOH TIP A . 
B 2 HOH 12 102 12 HOH TIP A . 
B 2 HOH 13 103 13 HOH TIP A . 
B 2 HOH 14 104 14 HOH TIP A . 
B 2 HOH 15 105 15 HOH TIP A . 
B 2 HOH 16 106 17 HOH TIP A . 
B 2 HOH 17 107 18 HOH TIP A . 
B 2 HOH 18 108 19 HOH TIP A . 
B 2 HOH 19 109 20 HOH TIP A . 
B 2 HOH 20 110 21 HOH TIP A . 
B 2 HOH 21 111 22 HOH TIP A . 
B 2 HOH 22 112 23 HOH TIP A . 
B 2 HOH 23 113 24 HOH TIP A . 
B 2 HOH 24 114 25 HOH TIP A . 
B 2 HOH 25 115 26 HOH TIP A . 
B 2 HOH 26 116 27 HOH TIP A . 
B 2 HOH 27 117 28 HOH TIP A . 
B 2 HOH 28 118 29 HOH TIP A . 
B 2 HOH 29 119 30 HOH TIP A . 
B 2 HOH 30 120 31 HOH TIP A . 
B 2 HOH 31 121 33 HOH TIP A . 
B 2 HOH 32 122 34 HOH TIP A . 
B 2 HOH 33 123 35 HOH TIP A . 
B 2 HOH 34 124 36 HOH TIP A . 
B 2 HOH 35 125 37 HOH TIP A . 
B 2 HOH 36 126 38 HOH TIP A . 
B 2 HOH 37 127 39 HOH TIP A . 
B 2 HOH 38 128 40 HOH TIP A . 
B 2 HOH 39 129 41 HOH TIP A . 
B 2 HOH 40 130 42 HOH TIP A . 
B 2 HOH 41 131 43 HOH TIP A . 
B 2 HOH 42 132 44 HOH TIP A . 
B 2 HOH 43 133 45 HOH TIP A . 
B 2 HOH 44 134 46 HOH TIP A . 
B 2 HOH 45 135 47 HOH TIP A . 
B 2 HOH 46 136 48 HOH TIP A . 
B 2 HOH 47 137 49 HOH TIP A . 
B 2 HOH 48 138 50 HOH TIP A . 
B 2 HOH 49 139 51 HOH TIP A . 
B 2 HOH 50 140 52 HOH TIP A . 
B 2 HOH 51 141 53 HOH TIP A . 
B 2 HOH 52 142 54 HOH TIP A . 
B 2 HOH 53 143 55 HOH TIP A . 
B 2 HOH 54 144 56 HOH TIP A . 
B 2 HOH 55 145 57 HOH TIP A . 
B 2 HOH 56 146 58 HOH TIP A . 
B 2 HOH 57 147 59 HOH TIP A . 
B 2 HOH 58 148 60 HOH TIP A . 
B 2 HOH 59 149 61 HOH TIP A . 
B 2 HOH 60 150 62 HOH TIP A . 
B 2 HOH 61 151 63 HOH TIP A . 
B 2 HOH 62 152 64 HOH TIP A . 
B 2 HOH 63 153 65 HOH TIP A . 
B 2 HOH 64 154 66 HOH TIP A . 
B 2 HOH 65 155 67 HOH TIP A . 
B 2 HOH 66 156 68 HOH TIP A . 
B 2 HOH 67 157 69 HOH TIP A . 
B 2 HOH 68 158 70 HOH TIP A . 
B 2 HOH 69 159 71 HOH TIP A . 
B 2 HOH 70 160 72 HOH TIP A . 
B 2 HOH 71 161 73 HOH TIP A . 
B 2 HOH 72 162 74 HOH TIP A . 
B 2 HOH 73 163 75 HOH TIP A . 
B 2 HOH 74 164 76 HOH TIP A . 
B 2 HOH 75 165 77 HOH TIP A . 
B 2 HOH 76 166 78 HOH TIP A . 
B 2 HOH 77 167 79 HOH TIP A . 
B 2 HOH 78 168 80 HOH TIP A . 
B 2 HOH 79 169 81 HOH TIP A . 
B 2 HOH 80 170 82 HOH TIP A . 
B 2 HOH 81 171 83 HOH TIP A . 
B 2 HOH 82 172 84 HOH TIP A . 
B 2 HOH 83 173 86 HOH TIP A . 
# 
loop_
_pdbx_unobs_or_zero_occ_atoms.id 
_pdbx_unobs_or_zero_occ_atoms.PDB_model_num 
_pdbx_unobs_or_zero_occ_atoms.polymer_flag 
_pdbx_unobs_or_zero_occ_atoms.occupancy_flag 
_pdbx_unobs_or_zero_occ_atoms.auth_asym_id 
_pdbx_unobs_or_zero_occ_atoms.auth_comp_id 
_pdbx_unobs_or_zero_occ_atoms.auth_seq_id 
_pdbx_unobs_or_zero_occ_atoms.PDB_ins_code 
_pdbx_unobs_or_zero_occ_atoms.auth_atom_id 
_pdbx_unobs_or_zero_occ_atoms.label_alt_id 
_pdbx_unobs_or_zero_occ_atoms.label_asym_id 
_pdbx_unobs_or_zero_occ_atoms.label_comp_id 
_pdbx_unobs_or_zero_occ_atoms.label_seq_id 
_pdbx_unobs_or_zero_occ_atoms.label_atom_id 
1 1 Y 1 A GLU 42 ? CB  ? A GLU 42 CB  
2 1 Y 1 A GLU 42 ? CG  ? A GLU 42 CG  
3 1 Y 1 A GLU 42 ? CD  ? A GLU 42 CD  
4 1 Y 1 A GLU 42 ? OE1 ? A GLU 42 OE1 
5 1 Y 1 A GLU 42 ? OE2 ? A GLU 42 OE2 
# 
loop_
_software.name 
_software.classification 
_software.version 
_software.citation_id 
_software.pdbx_ordinal 
ADSC     'data collection' Quantum ? 1 
SHELXS   phasing           .       ? 2 
CNS      refinement        1.2     ? 3 
HKL-2000 'data reduction'  .       ? 4 
HKL-2000 'data scaling'    .       ? 5 
# 
_cell.entry_id           3LYW 
_cell.length_a           44.827 
_cell.length_b           44.827 
_cell.length_c           85.997 
_cell.angle_alpha        90.00 
_cell.angle_beta         90.00 
_cell.angle_gamma        90.00 
_cell.Z_PDB              8 
_cell.pdbx_unique_axis   ? 
_cell.length_a_esd       ? 
_cell.length_b_esd       ? 
_cell.length_c_esd       ? 
_cell.angle_alpha_esd    ? 
_cell.angle_beta_esd     ? 
_cell.angle_gamma_esd    ? 
# 
_symmetry.entry_id                         3LYW 
_symmetry.space_group_name_H-M             'P 43 21 2' 
_symmetry.pdbx_full_space_group_name_H-M   ? 
_symmetry.cell_setting                     ? 
_symmetry.Int_Tables_number                96 
_symmetry.space_group_name_Hall            ? 
# 
_exptl.entry_id          3LYW 
_exptl.method            'X-RAY DIFFRACTION' 
_exptl.crystals_number   1 
# 
_exptl_crystal.id                    1 
_exptl_crystal.density_meas          ? 
_exptl_crystal.density_Matthews      2.11 
_exptl_crystal.density_percent_sol   41.61 
_exptl_crystal.description           ? 
_exptl_crystal.F_000                 ? 
_exptl_crystal.preparation           ? 
# 
_exptl_crystal_grow.crystal_id      1 
_exptl_crystal_grow.method          'VAPOR DIFFUSION, HANGING DROP' 
_exptl_crystal_grow.temp            293 
_exptl_crystal_grow.temp_details    ? 
_exptl_crystal_grow.pH              9 
_exptl_crystal_grow.pdbx_details    
'30% PEG3350, sodium acetate 10mM, 5% Glycerol, pH 9, VAPOR DIFFUSION, HANGING DROP, temperature 293K' 
_exptl_crystal_grow.pdbx_pH_range   ? 
# 
_diffrn.id                     1 
_diffrn.ambient_temp           100 
_diffrn.ambient_temp_details   ? 
_diffrn.crystal_id             1 
# 
_diffrn_detector.diffrn_id              1 
_diffrn_detector.detector               CCD 
_diffrn_detector.type                   'ADSC QUANTUM 4' 
_diffrn_detector.pdbx_collection_date   2010-01-24 
_diffrn_detector.details                ? 
# 
_diffrn_radiation.diffrn_id                        1 
_diffrn_radiation.wavelength_id                    1 
_diffrn_radiation.pdbx_monochromatic_or_laue_m_l   M 
_diffrn_radiation.monochromator                    ? 
_diffrn_radiation.pdbx_diffrn_protocol             'SINGLE WAVELENGTH' 
_diffrn_radiation.pdbx_scattering_type             x-ray 
# 
_diffrn_radiation_wavelength.id           1 
_diffrn_radiation_wavelength.wavelength   0.979 
_diffrn_radiation_wavelength.wt           1.0 
# 
_diffrn_source.diffrn_id                   1 
_diffrn_source.source                      SYNCHROTRON 
_diffrn_source.type                        'NSLS BEAMLINE X4A' 
_diffrn_source.pdbx_synchrotron_site       NSLS 
_diffrn_source.pdbx_synchrotron_beamline   X4A 
_diffrn_source.pdbx_wavelength             ? 
_diffrn_source.pdbx_wavelength_list        0.979 
# 
_reflns.entry_id                     3LYW 
_reflns.observed_criterion_sigma_I   0 
_reflns.observed_criterion_sigma_F   0 
_reflns.d_resolution_low             50 
_reflns.d_resolution_high            1.8 
_reflns.number_obs                   15491 
_reflns.number_all                   15491 
_reflns.percent_possible_obs         99.6 
_reflns.pdbx_Rmerge_I_obs            0.058 
_reflns.pdbx_Rsym_value              0.054 
_reflns.pdbx_netI_over_sigmaI        14.5 
_reflns.B_iso_Wilson_estimate        26.4 
_reflns.pdbx_redundancy              17.7 
_reflns.R_free_details               ? 
_reflns.limit_h_max                  ? 
_reflns.limit_h_min                  ? 
_reflns.limit_k_max                  ? 
_reflns.limit_k_min                  ? 
_reflns.limit_l_max                  ? 
_reflns.limit_l_min                  ? 
_reflns.observed_criterion_F_max     ? 
_reflns.observed_criterion_F_min     ? 
_reflns.pdbx_chi_squared             ? 
_reflns.pdbx_scaling_rejects         ? 
_reflns.pdbx_diffrn_id               1 
_reflns.pdbx_ordinal                 1 
# 
_reflns_shell.d_res_high             1.8 
_reflns_shell.d_res_low              1.83 
_reflns_shell.percent_possible_all   100 
_reflns_shell.Rmerge_I_obs           0.412 
_reflns_shell.pdbx_Rsym_value        0.43 
_reflns_shell.meanI_over_sigI_obs    24.0 
_reflns_shell.pdbx_redundancy        13.4 
_reflns_shell.percent_possible_obs   ? 
_reflns_shell.number_unique_all      768 
_reflns_shell.number_measured_all    ? 
_reflns_shell.number_measured_obs    ? 
_reflns_shell.number_unique_obs      ? 
_reflns_shell.pdbx_chi_squared       ? 
_reflns_shell.pdbx_diffrn_id         ? 
_reflns_shell.pdbx_ordinal           1 
# 
_refine.entry_id                                 3LYW 
_refine.ls_number_reflns_obs                     12986 
_refine.ls_number_reflns_all                     ? 
_refine.pdbx_ls_sigma_I                          ? 
_refine.pdbx_ls_sigma_F                          2.0 
_refine.pdbx_data_cutoff_high_absF               206005.16 
_refine.pdbx_data_cutoff_low_absF                0.000000 
_refine.pdbx_data_cutoff_high_rms_absF           ? 
_refine.ls_d_res_low                             25.52 
_refine.ls_d_res_high                            1.90 
_refine.ls_percent_reflns_obs                    98.3 
_refine.ls_R_factor_obs                          0.224 
_refine.ls_R_factor_all                          ? 
_refine.ls_R_factor_R_work                       0.224 
_refine.ls_R_factor_R_free                       0.258 
_refine.ls_R_factor_R_free_error                 0.010 
_refine.ls_R_factor_R_free_error_details         ? 
_refine.ls_percent_reflns_R_free                 6.0 
_refine.ls_number_reflns_R_free                  773 
_refine.ls_number_parameters                     ? 
_refine.ls_number_restraints                     ? 
_refine.occupancy_min                            ? 
_refine.occupancy_max                            ? 
_refine.correlation_coeff_Fo_to_Fc               ? 
_refine.correlation_coeff_Fo_to_Fc_free          ? 
_refine.B_iso_mean                               28.3 
_refine.aniso_B[1][1]                            -5.30 
_refine.aniso_B[2][2]                            -5.30 
_refine.aniso_B[3][3]                            10.60 
_refine.aniso_B[1][2]                            0.00 
_refine.aniso_B[1][3]                            0.00 
_refine.aniso_B[2][3]                            0.00 
_refine.solvent_model_details                    'FLAT MODEL' 
_refine.solvent_model_param_ksol                 0.4 
_refine.solvent_model_param_bsol                 70.7502 
_refine.pdbx_solvent_vdw_probe_radii             ? 
_refine.pdbx_solvent_ion_probe_radii             ? 
_refine.pdbx_solvent_shrinkage_radii             ? 
_refine.pdbx_ls_cross_valid_method               THROUGHOUT 
_refine.details                                  'BULK SOLVENT MODEL USED' 
_refine.pdbx_starting_model                      ? 
_refine.pdbx_method_to_determine_struct          SAD 
_refine.pdbx_isotropic_thermal_model             RESTRAINED 
_refine.pdbx_stereochemistry_target_values       'Engh & Huber' 
_refine.pdbx_stereochem_target_val_spec_case     ? 
_refine.pdbx_R_Free_selection_details            RANDOM 
_refine.pdbx_overall_ESU_R_Free                  ? 
_refine.overall_SU_ML                            ? 
_refine.overall_SU_B                             ? 
_refine.ls_redundancy_reflns_obs                 ? 
_refine.B_iso_min                                ? 
_refine.B_iso_max                                ? 
_refine.overall_SU_R_Cruickshank_DPI             ? 
_refine.overall_SU_R_free                        ? 
_refine.ls_wR_factor_R_free                      ? 
_refine.ls_wR_factor_R_work                      ? 
_refine.overall_FOM_free_R_set                   ? 
_refine.overall_FOM_work_R_set                   ? 
_refine.pdbx_overall_phase_error                 ? 
_refine.pdbx_refine_id                           'X-RAY DIFFRACTION' 
_refine.pdbx_overall_ESU_R                       ? 
_refine.pdbx_diffrn_id                           1 
_refine.pdbx_TLS_residual_ADP_flag               ? 
_refine.pdbx_overall_SU_R_free_Cruickshank_DPI   ? 
_refine.pdbx_overall_SU_R_Blow_DPI               ? 
_refine.pdbx_overall_SU_R_free_Blow_DPI          ? 
# 
_refine_analyze.entry_id                        3LYW 
_refine_analyze.Luzzati_coordinate_error_obs    0.25 
_refine_analyze.Luzzati_sigma_a_obs             0.11 
_refine_analyze.Luzzati_d_res_low_obs           5.00 
_refine_analyze.Luzzati_coordinate_error_free   0.32 
_refine_analyze.Luzzati_sigma_a_free            0.18 
_refine_analyze.Luzzati_d_res_low_free          ? 
_refine_analyze.number_disordered_residues      ? 
_refine_analyze.occupancy_sum_hydrogen          ? 
_refine_analyze.occupancy_sum_non_hydrogen      ? 
_refine_analyze.pdbx_Luzzati_d_res_high_obs     ? 
_refine_analyze.pdbx_refine_id                  'X-RAY DIFFRACTION' 
# 
_refine_hist.pdbx_refine_id                   'X-RAY DIFFRACTION' 
_refine_hist.cycle_id                         LAST 
_refine_hist.pdbx_number_atoms_protein        669 
_refine_hist.pdbx_number_atoms_nucleic_acid   0 
_refine_hist.pdbx_number_atoms_ligand         0 
_refine_hist.number_atoms_solvent             83 
_refine_hist.number_atoms_total               752 
_refine_hist.d_res_high                       1.90 
_refine_hist.d_res_low                        25.52 
# 
loop_
_refine_ls_restr.type 
_refine_ls_restr.dev_ideal 
_refine_ls_restr.dev_ideal_target 
_refine_ls_restr.weight 
_refine_ls_restr.number 
_refine_ls_restr.pdbx_refine_id 
_refine_ls_restr.pdbx_restraint_function 
c_bond_d           0.006 ? ? ? 'X-RAY DIFFRACTION' ? 
c_angle_deg        1.6   ? ? ? 'X-RAY DIFFRACTION' ? 
c_dihedral_angle_d 26.9  ? ? ? 'X-RAY DIFFRACTION' ? 
c_improper_angle_d 0.77  ? ? ? 'X-RAY DIFFRACTION' ? 
# 
_refine_ls_restr_ncs.pdbx_refine_id      'X-RAY DIFFRACTION' 
_refine_ls_restr_ncs.dom_id              1 
_refine_ls_restr_ncs.ncs_model_details   NONE 
_refine_ls_restr_ncs.rms_dev_position    ? 
_refine_ls_restr_ncs.weight_position     ? 
_refine_ls_restr_ncs.rms_dev_B_iso       ? 
_refine_ls_restr_ncs.weight_B_iso        ? 
_refine_ls_restr_ncs.pdbx_ordinal        1 
_refine_ls_restr_ncs.pdbx_type           . 
_refine_ls_restr_ncs.pdbx_auth_asym_id   . 
_refine_ls_restr_ncs.pdbx_ens_id         1 
_refine_ls_restr_ncs.pdbx_number         ? 
_refine_ls_restr_ncs.pdbx_asym_id        ? 
_refine_ls_restr_ncs.pdbx_rms            ? 
_refine_ls_restr_ncs.pdbx_weight         ? 
# 
_refine_ls_shell.pdbx_total_number_of_bins_used   6 
_refine_ls_shell.d_res_high                       1.90 
_refine_ls_shell.d_res_low                        2.02 
_refine_ls_shell.number_reflns_R_work             1994 
_refine_ls_shell.R_factor_R_work                  0.246 
_refine_ls_shell.percent_reflns_obs               95.3 
_refine_ls_shell.R_factor_R_free                  0.302 
_refine_ls_shell.R_factor_R_free_error            0.027 
_refine_ls_shell.percent_reflns_R_free            5.7 
_refine_ls_shell.number_reflns_R_free             121 
_refine_ls_shell.number_reflns_all                ? 
_refine_ls_shell.R_factor_all                     ? 
_refine_ls_shell.number_reflns_obs                ? 
_refine_ls_shell.redundancy_reflns_obs            ? 
_refine_ls_shell.pdbx_refine_id                   'X-RAY DIFFRACTION' 
# 
loop_
_pdbx_xplor_file.serial_no 
_pdbx_xplor_file.param_file 
_pdbx_xplor_file.topol_file 
_pdbx_xplor_file.pdbx_refine_id 
1 protein_rep.param protein.top 'X-RAY DIFFRACTION' 
2 water_rep.param   water.top   'X-RAY DIFFRACTION' 
3 ion.param         ion.top     'X-RAY DIFFRACTION' 
# 
_struct_ncs_dom.id            1 
_struct_ncs_dom.details       ? 
_struct_ncs_dom.pdbx_ens_id   1 
# 
_struct_ncs_ens.id        1 
_struct_ncs_ens.details   ? 
# 
_struct.entry_id                  3LYW 
_struct.title                     
;Crystal structure of YbbR family protein Dhaf_0833 from Desulfitobacterium hafniense DCB-2. Northeast Structural Genomics Consortium target id DhR29B
;
_struct.pdbx_model_details        ? 
_struct.pdbx_CASP_flag            ? 
_struct.pdbx_model_type_details   ? 
# 
_struct_keywords.entry_id        3LYW 
_struct_keywords.pdbx_keywords   'STRUCTURAL GENOMICS, UNKNOWN FUNCTION' 
_struct_keywords.text            
;YbbR family protein Dhaf_0833, Structural Genomics, PSI-2, Protein Structure Initiative, Northeast Structural Genomics Consortium, NESG, UNKNOWN FUNCTION
;
# 
loop_
_struct_asym.id 
_struct_asym.pdbx_blank_PDB_chainid_flag 
_struct_asym.pdbx_modified 
_struct_asym.entity_id 
_struct_asym.details 
A N N 1 ? 
B N N 2 ? 
# 
_struct_ref.id                         1 
_struct_ref.db_name                    UNP 
_struct_ref.db_code                    B8FX10_DESHD 
_struct_ref.pdbx_db_accession          B8FX10 
_struct_ref.entity_id                  1 
_struct_ref.pdbx_seq_one_letter_code   
;RDPTLTLSLIAKNTPANSMIMTKLPSVRVKTEGYNPSINVNELFAYVDLSGSEPGEHDYEVKVEPIPNIKIVEISPRVVT
LQL
;
_struct_ref.pdbx_align_begin           37 
_struct_ref.pdbx_db_isoform            ? 
# 
_struct_ref_seq.align_id                      1 
_struct_ref_seq.ref_id                        1 
_struct_ref_seq.pdbx_PDB_id_code              3LYW 
_struct_ref_seq.pdbx_strand_id                A 
_struct_ref_seq.seq_align_beg                 1 
_struct_ref_seq.pdbx_seq_align_beg_ins_code   ? 
_struct_ref_seq.seq_align_end                 83 
_struct_ref_seq.pdbx_seq_align_end_ins_code   ? 
_struct_ref_seq.pdbx_db_accession             B8FX10 
_struct_ref_seq.db_align_beg                  37 
_struct_ref_seq.pdbx_db_align_beg_ins_code    ? 
_struct_ref_seq.db_align_end                  119 
_struct_ref_seq.pdbx_db_align_end_ins_code    ? 
_struct_ref_seq.pdbx_auth_seq_align_beg       1 
_struct_ref_seq.pdbx_auth_seq_align_end       83 
# 
loop_
_struct_ref_seq_dif.align_id 
_struct_ref_seq_dif.pdbx_pdb_id_code 
_struct_ref_seq_dif.mon_id 
_struct_ref_seq_dif.pdbx_pdb_strand_id 
_struct_ref_seq_dif.seq_num 
_struct_ref_seq_dif.pdbx_pdb_ins_code 
_struct_ref_seq_dif.pdbx_seq_db_name 
_struct_ref_seq_dif.pdbx_seq_db_accession_code 
_struct_ref_seq_dif.db_mon_id 
_struct_ref_seq_dif.pdbx_seq_db_seq_num 
_struct_ref_seq_dif.details 
_struct_ref_seq_dif.pdbx_auth_seq_num 
_struct_ref_seq_dif.pdbx_ordinal 
1 3LYW GLU A 84 ? UNP B8FX10 ? ? 'expression tag' 84 1 
1 3LYW HIS A 85 ? UNP B8FX10 ? ? 'expression tag' 85 2 
1 3LYW HIS A 86 ? UNP B8FX10 ? ? 'expression tag' 86 3 
1 3LYW HIS A 87 ? UNP B8FX10 ? ? 'expression tag' 87 4 
1 3LYW HIS A 88 ? UNP B8FX10 ? ? 'expression tag' 88 5 
1 3LYW HIS A 89 ? UNP B8FX10 ? ? 'expression tag' 89 6 
1 3LYW HIS A 90 ? UNP B8FX10 ? ? 'expression tag' 90 7 
# 
_pdbx_struct_assembly.id                   1 
_pdbx_struct_assembly.details              author_and_software_defined_assembly 
_pdbx_struct_assembly.method_details       PISA 
_pdbx_struct_assembly.oligomeric_details   monomeric 
_pdbx_struct_assembly.oligomeric_count     1 
# 
_pdbx_struct_assembly_gen.assembly_id       1 
_pdbx_struct_assembly_gen.oper_expression   1 
_pdbx_struct_assembly_gen.asym_id_list      A,B 
# 
_pdbx_struct_oper_list.id                   1 
_pdbx_struct_oper_list.type                 'identity operation' 
_pdbx_struct_oper_list.name                 1_555 
_pdbx_struct_oper_list.symmetry_operation   x,y,z 
_pdbx_struct_oper_list.matrix[1][1]         1.0000000000 
_pdbx_struct_oper_list.matrix[1][2]         0.0000000000 
_pdbx_struct_oper_list.matrix[1][3]         0.0000000000 
_pdbx_struct_oper_list.vector[1]            0.0000000000 
_pdbx_struct_oper_list.matrix[2][1]         0.0000000000 
_pdbx_struct_oper_list.matrix[2][2]         1.0000000000 
_pdbx_struct_oper_list.matrix[2][3]         0.0000000000 
_pdbx_struct_oper_list.vector[2]            0.0000000000 
_pdbx_struct_oper_list.matrix[3][1]         0.0000000000 
_pdbx_struct_oper_list.matrix[3][2]         0.0000000000 
_pdbx_struct_oper_list.matrix[3][3]         1.0000000000 
_pdbx_struct_oper_list.vector[3]            0.0000000000 
# 
_struct_biol.id        1 
_struct_biol.details   ? 
# 
loop_
_struct_conn.id 
_struct_conn.conn_type_id 
_struct_conn.pdbx_leaving_atom_flag 
_struct_conn.pdbx_PDB_id 
_struct_conn.ptnr1_label_asym_id 
_struct_conn.ptnr1_label_comp_id 
_struct_conn.ptnr1_label_seq_id 
_struct_conn.ptnr1_label_atom_id 
_struct_conn.pdbx_ptnr1_label_alt_id 
_struct_conn.pdbx_ptnr1_PDB_ins_code 
_struct_conn.pdbx_ptnr1_standard_comp_id 
_struct_conn.ptnr1_symmetry 
_struct_conn.ptnr2_label_asym_id 
_struct_conn.ptnr2_label_comp_id 
_struct_conn.ptnr2_label_seq_id 
_struct_conn.ptnr2_label_atom_id 
_struct_conn.pdbx_ptnr2_label_alt_id 
_struct_conn.pdbx_ptnr2_PDB_ins_code 
_struct_conn.ptnr1_auth_asym_id 
_struct_conn.ptnr1_auth_comp_id 
_struct_conn.ptnr1_auth_seq_id 
_struct_conn.ptnr2_auth_asym_id 
_struct_conn.ptnr2_auth_comp_id 
_struct_conn.ptnr2_auth_seq_id 
_struct_conn.ptnr2_symmetry 
_struct_conn.pdbx_ptnr3_label_atom_id 
_struct_conn.pdbx_ptnr3_label_seq_id 
_struct_conn.pdbx_ptnr3_label_comp_id 
_struct_conn.pdbx_ptnr3_label_asym_id 
_struct_conn.pdbx_ptnr3_label_alt_id 
_struct_conn.pdbx_ptnr3_PDB_ins_code 
_struct_conn.details 
_struct_conn.pdbx_dist_value 
_struct_conn.pdbx_value_order 
_struct_conn.pdbx_role 
covale1 covale both ? A SER 18 C ? ? ? 1_555 A MSE 19 N ? ? A SER 18 A MSE 19 1_555 ? ? ? ? ? ? ? 1.324 ? ? 
covale2 covale both ? A MSE 19 C ? ? ? 1_555 A ILE 20 N ? ? A MSE 19 A ILE 20 1_555 ? ? ? ? ? ? ? 1.331 ? ? 
covale3 covale both ? A ILE 20 C ? ? ? 1_555 A MSE 21 N ? ? A ILE 20 A MSE 21 1_555 ? ? ? ? ? ? ? 1.328 ? ? 
covale4 covale both ? A MSE 21 C ? ? ? 1_555 A THR 22 N ? ? A MSE 21 A THR 22 1_555 ? ? ? ? ? ? ? 1.327 ? ? 
# 
_struct_conn_type.id          covale 
_struct_conn_type.criteria    ? 
_struct_conn_type.reference   ? 
# 
loop_
_pdbx_modification_feature.ordinal 
_pdbx_modification_feature.label_comp_id 
_pdbx_modification_feature.label_asym_id 
_pdbx_modification_feature.label_seq_id 
_pdbx_modification_feature.label_alt_id 
_pdbx_modification_feature.modified_residue_label_comp_id 
_pdbx_modification_feature.modified_residue_label_asym_id 
_pdbx_modification_feature.modified_residue_label_seq_id 
_pdbx_modification_feature.modified_residue_label_alt_id 
_pdbx_modification_feature.auth_comp_id 
_pdbx_modification_feature.auth_asym_id 
_pdbx_modification_feature.auth_seq_id 
_pdbx_modification_feature.PDB_ins_code 
_pdbx_modification_feature.symmetry 
_pdbx_modification_feature.modified_residue_auth_comp_id 
_pdbx_modification_feature.modified_residue_auth_asym_id 
_pdbx_modification_feature.modified_residue_auth_seq_id 
_pdbx_modification_feature.modified_residue_PDB_ins_code 
_pdbx_modification_feature.modified_residue_symmetry 
_pdbx_modification_feature.comp_id_linking_atom 
_pdbx_modification_feature.modified_residue_id_linking_atom 
_pdbx_modification_feature.modified_residue_id 
_pdbx_modification_feature.ref_pcm_id 
_pdbx_modification_feature.ref_comp_id 
_pdbx_modification_feature.type 
_pdbx_modification_feature.category 
1 MSE A 19 ? . . . . MSE A 19 ? 1_555 . . . . . . . MET 1 MSE Selenomethionine 'Named protein modification' 
2 MSE A 21 ? . . . . MSE A 21 ? 1_555 . . . . . . . MET 1 MSE Selenomethionine 'Named protein modification' 
# 
_struct_mon_prot_cis.pdbx_id                1 
_struct_mon_prot_cis.label_comp_id          SER 
_struct_mon_prot_cis.label_seq_id           75 
_struct_mon_prot_cis.label_asym_id          A 
_struct_mon_prot_cis.label_alt_id           . 
_struct_mon_prot_cis.pdbx_PDB_ins_code      ? 
_struct_mon_prot_cis.auth_comp_id           SER 
_struct_mon_prot_cis.auth_seq_id            75 
_struct_mon_prot_cis.auth_asym_id           A 
_struct_mon_prot_cis.pdbx_label_comp_id_2   PRO 
_struct_mon_prot_cis.pdbx_label_seq_id_2    76 
_struct_mon_prot_cis.pdbx_label_asym_id_2   A 
_struct_mon_prot_cis.pdbx_PDB_ins_code_2    ? 
_struct_mon_prot_cis.pdbx_auth_comp_id_2    PRO 
_struct_mon_prot_cis.pdbx_auth_seq_id_2     76 
_struct_mon_prot_cis.pdbx_auth_asym_id_2    A 
_struct_mon_prot_cis.pdbx_PDB_model_num     1 
_struct_mon_prot_cis.pdbx_omega_angle       0.03 
# 
loop_
_struct_sheet.id 
_struct_sheet.type 
_struct_sheet.number_strands 
_struct_sheet.details 
A ? 5 ? 
B ? 3 ? 
# 
loop_
_struct_sheet_order.sheet_id 
_struct_sheet_order.range_id_1 
_struct_sheet_order.range_id_2 
_struct_sheet_order.offset 
_struct_sheet_order.sense 
A 1 2 ? anti-parallel 
A 2 3 ? parallel      
A 3 4 ? anti-parallel 
A 4 5 ? anti-parallel 
B 1 2 ? anti-parallel 
B 2 3 ? anti-parallel 
# 
loop_
_struct_sheet_range.sheet_id 
_struct_sheet_range.id 
_struct_sheet_range.beg_label_comp_id 
_struct_sheet_range.beg_label_asym_id 
_struct_sheet_range.beg_label_seq_id 
_struct_sheet_range.pdbx_beg_PDB_ins_code 
_struct_sheet_range.end_label_comp_id 
_struct_sheet_range.end_label_asym_id 
_struct_sheet_range.end_label_seq_id 
_struct_sheet_range.pdbx_end_PDB_ins_code 
_struct_sheet_range.beg_auth_comp_id 
_struct_sheet_range.beg_auth_asym_id 
_struct_sheet_range.beg_auth_seq_id 
_struct_sheet_range.end_auth_comp_id 
_struct_sheet_range.end_auth_asym_id 
_struct_sheet_range.end_auth_seq_id 
A 1 LYS A 62 ? VAL A 63 ? LYS A 62 VAL A 63 
A 2 PHE A 44 ? ASP A 48 ? PHE A 44 ASP A 48 
A 3 THR A 4  ? LYS A 12 ? THR A 4  LYS A 12 
A 4 SER A 26 ? GLY A 33 ? SER A 26 GLY A 33 
A 5 ILE A 69 ? SER A 75 ? ILE A 69 SER A 75 
B 1 SER A 18 ? ILE A 20 ? SER A 18 ILE A 20 
B 2 VAL A 78 ? HIS A 85 ? VAL A 78 HIS A 85 
B 3 GLY A 55 ? GLU A 60 ? GLY A 55 GLU A 60 
# 
loop_
_pdbx_struct_sheet_hbond.sheet_id 
_pdbx_struct_sheet_hbond.range_id_1 
_pdbx_struct_sheet_hbond.range_id_2 
_pdbx_struct_sheet_hbond.range_1_label_atom_id 
_pdbx_struct_sheet_hbond.range_1_label_comp_id 
_pdbx_struct_sheet_hbond.range_1_label_asym_id 
_pdbx_struct_sheet_hbond.range_1_label_seq_id 
_pdbx_struct_sheet_hbond.range_1_PDB_ins_code 
_pdbx_struct_sheet_hbond.range_1_auth_atom_id 
_pdbx_struct_sheet_hbond.range_1_auth_comp_id 
_pdbx_struct_sheet_hbond.range_1_auth_asym_id 
_pdbx_struct_sheet_hbond.range_1_auth_seq_id 
_pdbx_struct_sheet_hbond.range_2_label_atom_id 
_pdbx_struct_sheet_hbond.range_2_label_comp_id 
_pdbx_struct_sheet_hbond.range_2_label_asym_id 
_pdbx_struct_sheet_hbond.range_2_label_seq_id 
_pdbx_struct_sheet_hbond.range_2_PDB_ins_code 
_pdbx_struct_sheet_hbond.range_2_auth_atom_id 
_pdbx_struct_sheet_hbond.range_2_auth_comp_id 
_pdbx_struct_sheet_hbond.range_2_auth_asym_id 
_pdbx_struct_sheet_hbond.range_2_auth_seq_id 
A 1 2 O LYS A 62 ? O LYS A 62 N TYR A 46 ? N TYR A 46 
A 2 3 O VAL A 47 ? O VAL A 47 N LYS A 12 ? N LYS A 12 
A 3 4 N LEU A 7  ? N LEU A 7  O VAL A 27 ? O VAL A 27 
A 4 5 N ARG A 28 ? N ARG A 28 O SER A 75 ? O SER A 75 
B 1 2 N MSE A 19 ? N MSE A 19 O GLU A 84 ? O GLU A 84 
B 2 3 O LEU A 83 ? O LEU A 83 N GLY A 55 ? N GLY A 55 
# 
_pdbx_entry_details.entry_id                   3LYW 
_pdbx_entry_details.compound_details           ? 
_pdbx_entry_details.source_details             ? 
_pdbx_entry_details.nonpolymer_details         ? 
_pdbx_entry_details.sequence_details           ? 
_pdbx_entry_details.has_ligand_of_interest     ? 
_pdbx_entry_details.has_protein_modification   Y 
# 
loop_
_pdbx_validate_torsion.id 
_pdbx_validate_torsion.PDB_model_num 
_pdbx_validate_torsion.auth_comp_id 
_pdbx_validate_torsion.auth_asym_id 
_pdbx_validate_torsion.auth_seq_id 
_pdbx_validate_torsion.PDB_ins_code 
_pdbx_validate_torsion.label_alt_id 
_pdbx_validate_torsion.phi 
_pdbx_validate_torsion.psi 
1 1 ASP A 2  ? ? 36.68   58.12  
2 1 ASN A 35 ? ? -168.33 100.42 
3 1 SER A 37 ? ? 154.13  9.13   
# 
_pdbx_SG_project.id                    1 
_pdbx_SG_project.project_name          'PSI, Protein Structure Initiative' 
_pdbx_SG_project.full_name_of_center   'Northeast Structural Genomics Consortium' 
_pdbx_SG_project.initial_of_center     NESG 
# 
loop_
_pdbx_struct_mod_residue.id 
_pdbx_struct_mod_residue.label_asym_id 
_pdbx_struct_mod_residue.label_comp_id 
_pdbx_struct_mod_residue.label_seq_id 
_pdbx_struct_mod_residue.auth_asym_id 
_pdbx_struct_mod_residue.auth_comp_id 
_pdbx_struct_mod_residue.auth_seq_id 
_pdbx_struct_mod_residue.PDB_ins_code 
_pdbx_struct_mod_residue.parent_comp_id 
_pdbx_struct_mod_residue.details 
1 A MSE 19 A MSE 19 ? MET SELENOMETHIONINE 
2 A MSE 21 A MSE 21 ? MET SELENOMETHIONINE 
# 
loop_
_pdbx_unobs_or_zero_occ_residues.id 
_pdbx_unobs_or_zero_occ_residues.PDB_model_num 
_pdbx_unobs_or_zero_occ_residues.polymer_flag 
_pdbx_unobs_or_zero_occ_residues.occupancy_flag 
_pdbx_unobs_or_zero_occ_residues.auth_asym_id 
_pdbx_unobs_or_zero_occ_residues.auth_comp_id 
_pdbx_unobs_or_zero_occ_residues.auth_seq_id 
_pdbx_unobs_or_zero_occ_residues.PDB_ins_code 
_pdbx_unobs_or_zero_occ_residues.label_asym_id 
_pdbx_unobs_or_zero_occ_residues.label_comp_id 
_pdbx_unobs_or_zero_occ_residues.label_seq_id 
1 1 Y 1 A HIS 87 ? A HIS 87 
2 1 Y 1 A HIS 88 ? A HIS 88 
3 1 Y 1 A HIS 89 ? A HIS 89 
4 1 Y 1 A HIS 90 ? A HIS 90 
# 
loop_
_chem_comp_atom.comp_id 
_chem_comp_atom.atom_id 
_chem_comp_atom.type_symbol 
_chem_comp_atom.pdbx_aromatic_flag 
_chem_comp_atom.pdbx_stereo_config 
_chem_comp_atom.pdbx_ordinal 
ALA N    N  N N 1   
ALA CA   C  N S 2   
ALA C    C  N N 3   
ALA O    O  N N 4   
ALA CB   C  N N 5   
ALA OXT  O  N N 6   
ALA H    H  N N 7   
ALA H2   H  N N 8   
ALA HA   H  N N 9   
ALA HB1  H  N N 10  
ALA HB2  H  N N 11  
ALA HB3  H  N N 12  
ALA HXT  H  N N 13  
ARG N    N  N N 14  
ARG CA   C  N S 15  
ARG C    C  N N 16  
ARG O    O  N N 17  
ARG CB   C  N N 18  
ARG CG   C  N N 19  
ARG CD   C  N N 20  
ARG NE   N  N N 21  
ARG CZ   C  N N 22  
ARG NH1  N  N N 23  
ARG NH2  N  N N 24  
ARG OXT  O  N N 25  
ARG H    H  N N 26  
ARG H2   H  N N 27  
ARG HA   H  N N 28  
ARG HB2  H  N N 29  
ARG HB3  H  N N 30  
ARG HG2  H  N N 31  
ARG HG3  H  N N 32  
ARG HD2  H  N N 33  
ARG HD3  H  N N 34  
ARG HE   H  N N 35  
ARG HH11 H  N N 36  
ARG HH12 H  N N 37  
ARG HH21 H  N N 38  
ARG HH22 H  N N 39  
ARG HXT  H  N N 40  
ASN N    N  N N 41  
ASN CA   C  N S 42  
ASN C    C  N N 43  
ASN O    O  N N 44  
ASN CB   C  N N 45  
ASN CG   C  N N 46  
ASN OD1  O  N N 47  
ASN ND2  N  N N 48  
ASN OXT  O  N N 49  
ASN H    H  N N 50  
ASN H2   H  N N 51  
ASN HA   H  N N 52  
ASN HB2  H  N N 53  
ASN HB3  H  N N 54  
ASN HD21 H  N N 55  
ASN HD22 H  N N 56  
ASN HXT  H  N N 57  
ASP N    N  N N 58  
ASP CA   C  N S 59  
ASP C    C  N N 60  
ASP O    O  N N 61  
ASP CB   C  N N 62  
ASP CG   C  N N 63  
ASP OD1  O  N N 64  
ASP OD2  O  N N 65  
ASP OXT  O  N N 66  
ASP H    H  N N 67  
ASP H2   H  N N 68  
ASP HA   H  N N 69  
ASP HB2  H  N N 70  
ASP HB3  H  N N 71  
ASP HD2  H  N N 72  
ASP HXT  H  N N 73  
GLN N    N  N N 74  
GLN CA   C  N S 75  
GLN C    C  N N 76  
GLN O    O  N N 77  
GLN CB   C  N N 78  
GLN CG   C  N N 79  
GLN CD   C  N N 80  
GLN OE1  O  N N 81  
GLN NE2  N  N N 82  
GLN OXT  O  N N 83  
GLN H    H  N N 84  
GLN H2   H  N N 85  
GLN HA   H  N N 86  
GLN HB2  H  N N 87  
GLN HB3  H  N N 88  
GLN HG2  H  N N 89  
GLN HG3  H  N N 90  
GLN HE21 H  N N 91  
GLN HE22 H  N N 92  
GLN HXT  H  N N 93  
GLU N    N  N N 94  
GLU CA   C  N S 95  
GLU C    C  N N 96  
GLU O    O  N N 97  
GLU CB   C  N N 98  
GLU CG   C  N N 99  
GLU CD   C  N N 100 
GLU OE1  O  N N 101 
GLU OE2  O  N N 102 
GLU OXT  O  N N 103 
GLU H    H  N N 104 
GLU H2   H  N N 105 
GLU HA   H  N N 106 
GLU HB2  H  N N 107 
GLU HB3  H  N N 108 
GLU HG2  H  N N 109 
GLU HG3  H  N N 110 
GLU HE2  H  N N 111 
GLU HXT  H  N N 112 
GLY N    N  N N 113 
GLY CA   C  N N 114 
GLY C    C  N N 115 
GLY O    O  N N 116 
GLY OXT  O  N N 117 
GLY H    H  N N 118 
GLY H2   H  N N 119 
GLY HA2  H  N N 120 
GLY HA3  H  N N 121 
GLY HXT  H  N N 122 
HIS N    N  N N 123 
HIS CA   C  N S 124 
HIS C    C  N N 125 
HIS O    O  N N 126 
HIS CB   C  N N 127 
HIS CG   C  Y N 128 
HIS ND1  N  Y N 129 
HIS CD2  C  Y N 130 
HIS CE1  C  Y N 131 
HIS NE2  N  Y N 132 
HIS OXT  O  N N 133 
HIS H    H  N N 134 
HIS H2   H  N N 135 
HIS HA   H  N N 136 
HIS HB2  H  N N 137 
HIS HB3  H  N N 138 
HIS HD1  H  N N 139 
HIS HD2  H  N N 140 
HIS HE1  H  N N 141 
HIS HE2  H  N N 142 
HIS HXT  H  N N 143 
HOH O    O  N N 144 
HOH H1   H  N N 145 
HOH H2   H  N N 146 
ILE N    N  N N 147 
ILE CA   C  N S 148 
ILE C    C  N N 149 
ILE O    O  N N 150 
ILE CB   C  N S 151 
ILE CG1  C  N N 152 
ILE CG2  C  N N 153 
ILE CD1  C  N N 154 
ILE OXT  O  N N 155 
ILE H    H  N N 156 
ILE H2   H  N N 157 
ILE HA   H  N N 158 
ILE HB   H  N N 159 
ILE HG12 H  N N 160 
ILE HG13 H  N N 161 
ILE HG21 H  N N 162 
ILE HG22 H  N N 163 
ILE HG23 H  N N 164 
ILE HD11 H  N N 165 
ILE HD12 H  N N 166 
ILE HD13 H  N N 167 
ILE HXT  H  N N 168 
LEU N    N  N N 169 
LEU CA   C  N S 170 
LEU C    C  N N 171 
LEU O    O  N N 172 
LEU CB   C  N N 173 
LEU CG   C  N N 174 
LEU CD1  C  N N 175 
LEU CD2  C  N N 176 
LEU OXT  O  N N 177 
LEU H    H  N N 178 
LEU H2   H  N N 179 
LEU HA   H  N N 180 
LEU HB2  H  N N 181 
LEU HB3  H  N N 182 
LEU HG   H  N N 183 
LEU HD11 H  N N 184 
LEU HD12 H  N N 185 
LEU HD13 H  N N 186 
LEU HD21 H  N N 187 
LEU HD22 H  N N 188 
LEU HD23 H  N N 189 
LEU HXT  H  N N 190 
LYS N    N  N N 191 
LYS CA   C  N S 192 
LYS C    C  N N 193 
LYS O    O  N N 194 
LYS CB   C  N N 195 
LYS CG   C  N N 196 
LYS CD   C  N N 197 
LYS CE   C  N N 198 
LYS NZ   N  N N 199 
LYS OXT  O  N N 200 
LYS H    H  N N 201 
LYS H2   H  N N 202 
LYS HA   H  N N 203 
LYS HB2  H  N N 204 
LYS HB3  H  N N 205 
LYS HG2  H  N N 206 
LYS HG3  H  N N 207 
LYS HD2  H  N N 208 
LYS HD3  H  N N 209 
LYS HE2  H  N N 210 
LYS HE3  H  N N 211 
LYS HZ1  H  N N 212 
LYS HZ2  H  N N 213 
LYS HZ3  H  N N 214 
LYS HXT  H  N N 215 
MSE N    N  N N 216 
MSE CA   C  N S 217 
MSE C    C  N N 218 
MSE O    O  N N 219 
MSE OXT  O  N N 220 
MSE CB   C  N N 221 
MSE CG   C  N N 222 
MSE SE   SE N N 223 
MSE CE   C  N N 224 
MSE H    H  N N 225 
MSE H2   H  N N 226 
MSE HA   H  N N 227 
MSE HXT  H  N N 228 
MSE HB2  H  N N 229 
MSE HB3  H  N N 230 
MSE HG2  H  N N 231 
MSE HG3  H  N N 232 
MSE HE1  H  N N 233 
MSE HE2  H  N N 234 
MSE HE3  H  N N 235 
PHE N    N  N N 236 
PHE CA   C  N S 237 
PHE C    C  N N 238 
PHE O    O  N N 239 
PHE CB   C  N N 240 
PHE CG   C  Y N 241 
PHE CD1  C  Y N 242 
PHE CD2  C  Y N 243 
PHE CE1  C  Y N 244 
PHE CE2  C  Y N 245 
PHE CZ   C  Y N 246 
PHE OXT  O  N N 247 
PHE H    H  N N 248 
PHE H2   H  N N 249 
PHE HA   H  N N 250 
PHE HB2  H  N N 251 
PHE HB3  H  N N 252 
PHE HD1  H  N N 253 
PHE HD2  H  N N 254 
PHE HE1  H  N N 255 
PHE HE2  H  N N 256 
PHE HZ   H  N N 257 
PHE HXT  H  N N 258 
PRO N    N  N N 259 
PRO CA   C  N S 260 
PRO C    C  N N 261 
PRO O    O  N N 262 
PRO CB   C  N N 263 
PRO CG   C  N N 264 
PRO CD   C  N N 265 
PRO OXT  O  N N 266 
PRO H    H  N N 267 
PRO HA   H  N N 268 
PRO HB2  H  N N 269 
PRO HB3  H  N N 270 
PRO HG2  H  N N 271 
PRO HG3  H  N N 272 
PRO HD2  H  N N 273 
PRO HD3  H  N N 274 
PRO HXT  H  N N 275 
SER N    N  N N 276 
SER CA   C  N S 277 
SER C    C  N N 278 
SER O    O  N N 279 
SER CB   C  N N 280 
SER OG   O  N N 281 
SER OXT  O  N N 282 
SER H    H  N N 283 
SER H2   H  N N 284 
SER HA   H  N N 285 
SER HB2  H  N N 286 
SER HB3  H  N N 287 
SER HG   H  N N 288 
SER HXT  H  N N 289 
THR N    N  N N 290 
THR CA   C  N S 291 
THR C    C  N N 292 
THR O    O  N N 293 
THR CB   C  N R 294 
THR OG1  O  N N 295 
THR CG2  C  N N 296 
THR OXT  O  N N 297 
THR H    H  N N 298 
THR H2   H  N N 299 
THR HA   H  N N 300 
THR HB   H  N N 301 
THR HG1  H  N N 302 
THR HG21 H  N N 303 
THR HG22 H  N N 304 
THR HG23 H  N N 305 
THR HXT  H  N N 306 
TYR N    N  N N 307 
TYR CA   C  N S 308 
TYR C    C  N N 309 
TYR O    O  N N 310 
TYR CB   C  N N 311 
TYR CG   C  Y N 312 
TYR CD1  C  Y N 313 
TYR CD2  C  Y N 314 
TYR CE1  C  Y N 315 
TYR CE2  C  Y N 316 
TYR CZ   C  Y N 317 
TYR OH   O  N N 318 
TYR OXT  O  N N 319 
TYR H    H  N N 320 
TYR H2   H  N N 321 
TYR HA   H  N N 322 
TYR HB2  H  N N 323 
TYR HB3  H  N N 324 
TYR HD1  H  N N 325 
TYR HD2  H  N N 326 
TYR HE1  H  N N 327 
TYR HE2  H  N N 328 
TYR HH   H  N N 329 
TYR HXT  H  N N 330 
VAL N    N  N N 331 
VAL CA   C  N S 332 
VAL C    C  N N 333 
VAL O    O  N N 334 
VAL CB   C  N N 335 
VAL CG1  C  N N 336 
VAL CG2  C  N N 337 
VAL OXT  O  N N 338 
VAL H    H  N N 339 
VAL H2   H  N N 340 
VAL HA   H  N N 341 
VAL HB   H  N N 342 
VAL HG11 H  N N 343 
VAL HG12 H  N N 344 
VAL HG13 H  N N 345 
VAL HG21 H  N N 346 
VAL HG22 H  N N 347 
VAL HG23 H  N N 348 
VAL HXT  H  N N 349 
# 
loop_
_chem_comp_bond.comp_id 
_chem_comp_bond.atom_id_1 
_chem_comp_bond.atom_id_2 
_chem_comp_bond.value_order 
_chem_comp_bond.pdbx_aromatic_flag 
_chem_comp_bond.pdbx_stereo_config 
_chem_comp_bond.pdbx_ordinal 
ALA N   CA   sing N N 1   
ALA N   H    sing N N 2   
ALA N   H2   sing N N 3   
ALA CA  C    sing N N 4   
ALA CA  CB   sing N N 5   
ALA CA  HA   sing N N 6   
ALA C   O    doub N N 7   
ALA C   OXT  sing N N 8   
ALA CB  HB1  sing N N 9   
ALA CB  HB2  sing N N 10  
ALA CB  HB3  sing N N 11  
ALA OXT HXT  sing N N 12  
ARG N   CA   sing N N 13  
ARG N   H    sing N N 14  
ARG N   H2   sing N N 15  
ARG CA  C    sing N N 16  
ARG CA  CB   sing N N 17  
ARG CA  HA   sing N N 18  
ARG C   O    doub N N 19  
ARG C   OXT  sing N N 20  
ARG CB  CG   sing N N 21  
ARG CB  HB2  sing N N 22  
ARG CB  HB3  sing N N 23  
ARG CG  CD   sing N N 24  
ARG CG  HG2  sing N N 25  
ARG CG  HG3  sing N N 26  
ARG CD  NE   sing N N 27  
ARG CD  HD2  sing N N 28  
ARG CD  HD3  sing N N 29  
ARG NE  CZ   sing N N 30  
ARG NE  HE   sing N N 31  
ARG CZ  NH1  sing N N 32  
ARG CZ  NH2  doub N N 33  
ARG NH1 HH11 sing N N 34  
ARG NH1 HH12 sing N N 35  
ARG NH2 HH21 sing N N 36  
ARG NH2 HH22 sing N N 37  
ARG OXT HXT  sing N N 38  
ASN N   CA   sing N N 39  
ASN N   H    sing N N 40  
ASN N   H2   sing N N 41  
ASN CA  C    sing N N 42  
ASN CA  CB   sing N N 43  
ASN CA  HA   sing N N 44  
ASN C   O    doub N N 45  
ASN C   OXT  sing N N 46  
ASN CB  CG   sing N N 47  
ASN CB  HB2  sing N N 48  
ASN CB  HB3  sing N N 49  
ASN CG  OD1  doub N N 50  
ASN CG  ND2  sing N N 51  
ASN ND2 HD21 sing N N 52  
ASN ND2 HD22 sing N N 53  
ASN OXT HXT  sing N N 54  
ASP N   CA   sing N N 55  
ASP N   H    sing N N 56  
ASP N   H2   sing N N 57  
ASP CA  C    sing N N 58  
ASP CA  CB   sing N N 59  
ASP CA  HA   sing N N 60  
ASP C   O    doub N N 61  
ASP C   OXT  sing N N 62  
ASP CB  CG   sing N N 63  
ASP CB  HB2  sing N N 64  
ASP CB  HB3  sing N N 65  
ASP CG  OD1  doub N N 66  
ASP CG  OD2  sing N N 67  
ASP OD2 HD2  sing N N 68  
ASP OXT HXT  sing N N 69  
GLN N   CA   sing N N 70  
GLN N   H    sing N N 71  
GLN N   H2   sing N N 72  
GLN CA  C    sing N N 73  
GLN CA  CB   sing N N 74  
GLN CA  HA   sing N N 75  
GLN C   O    doub N N 76  
GLN C   OXT  sing N N 77  
GLN CB  CG   sing N N 78  
GLN CB  HB2  sing N N 79  
GLN CB  HB3  sing N N 80  
GLN CG  CD   sing N N 81  
GLN CG  HG2  sing N N 82  
GLN CG  HG3  sing N N 83  
GLN CD  OE1  doub N N 84  
GLN CD  NE2  sing N N 85  
GLN NE2 HE21 sing N N 86  
GLN NE2 HE22 sing N N 87  
GLN OXT HXT  sing N N 88  
GLU N   CA   sing N N 89  
GLU N   H    sing N N 90  
GLU N   H2   sing N N 91  
GLU CA  C    sing N N 92  
GLU CA  CB   sing N N 93  
GLU CA  HA   sing N N 94  
GLU C   O    doub N N 95  
GLU C   OXT  sing N N 96  
GLU CB  CG   sing N N 97  
GLU CB  HB2  sing N N 98  
GLU CB  HB3  sing N N 99  
GLU CG  CD   sing N N 100 
GLU CG  HG2  sing N N 101 
GLU CG  HG3  sing N N 102 
GLU CD  OE1  doub N N 103 
GLU CD  OE2  sing N N 104 
GLU OE2 HE2  sing N N 105 
GLU OXT HXT  sing N N 106 
GLY N   CA   sing N N 107 
GLY N   H    sing N N 108 
GLY N   H2   sing N N 109 
GLY CA  C    sing N N 110 
GLY CA  HA2  sing N N 111 
GLY CA  HA3  sing N N 112 
GLY C   O    doub N N 113 
GLY C   OXT  sing N N 114 
GLY OXT HXT  sing N N 115 
HIS N   CA   sing N N 116 
HIS N   H    sing N N 117 
HIS N   H2   sing N N 118 
HIS CA  C    sing N N 119 
HIS CA  CB   sing N N 120 
HIS CA  HA   sing N N 121 
HIS C   O    doub N N 122 
HIS C   OXT  sing N N 123 
HIS CB  CG   sing N N 124 
HIS CB  HB2  sing N N 125 
HIS CB  HB3  sing N N 126 
HIS CG  ND1  sing Y N 127 
HIS CG  CD2  doub Y N 128 
HIS ND1 CE1  doub Y N 129 
HIS ND1 HD1  sing N N 130 
HIS CD2 NE2  sing Y N 131 
HIS CD2 HD2  sing N N 132 
HIS CE1 NE2  sing Y N 133 
HIS CE1 HE1  sing N N 134 
HIS NE2 HE2  sing N N 135 
HIS OXT HXT  sing N N 136 
HOH O   H1   sing N N 137 
HOH O   H2   sing N N 138 
ILE N   CA   sing N N 139 
ILE N   H    sing N N 140 
ILE N   H2   sing N N 141 
ILE CA  C    sing N N 142 
ILE CA  CB   sing N N 143 
ILE CA  HA   sing N N 144 
ILE C   O    doub N N 145 
ILE C   OXT  sing N N 146 
ILE CB  CG1  sing N N 147 
ILE CB  CG2  sing N N 148 
ILE CB  HB   sing N N 149 
ILE CG1 CD1  sing N N 150 
ILE CG1 HG12 sing N N 151 
ILE CG1 HG13 sing N N 152 
ILE CG2 HG21 sing N N 153 
ILE CG2 HG22 sing N N 154 
ILE CG2 HG23 sing N N 155 
ILE CD1 HD11 sing N N 156 
ILE CD1 HD12 sing N N 157 
ILE CD1 HD13 sing N N 158 
ILE OXT HXT  sing N N 159 
LEU N   CA   sing N N 160 
LEU N   H    sing N N 161 
LEU N   H2   sing N N 162 
LEU CA  C    sing N N 163 
LEU CA  CB   sing N N 164 
LEU CA  HA   sing N N 165 
LEU C   O    doub N N 166 
LEU C   OXT  sing N N 167 
LEU CB  CG   sing N N 168 
LEU CB  HB2  sing N N 169 
LEU CB  HB3  sing N N 170 
LEU CG  CD1  sing N N 171 
LEU CG  CD2  sing N N 172 
LEU CG  HG   sing N N 173 
LEU CD1 HD11 sing N N 174 
LEU CD1 HD12 sing N N 175 
LEU CD1 HD13 sing N N 176 
LEU CD2 HD21 sing N N 177 
LEU CD2 HD22 sing N N 178 
LEU CD2 HD23 sing N N 179 
LEU OXT HXT  sing N N 180 
LYS N   CA   sing N N 181 
LYS N   H    sing N N 182 
LYS N   H2   sing N N 183 
LYS CA  C    sing N N 184 
LYS CA  CB   sing N N 185 
LYS CA  HA   sing N N 186 
LYS C   O    doub N N 187 
LYS C   OXT  sing N N 188 
LYS CB  CG   sing N N 189 
LYS CB  HB2  sing N N 190 
LYS CB  HB3  sing N N 191 
LYS CG  CD   sing N N 192 
LYS CG  HG2  sing N N 193 
LYS CG  HG3  sing N N 194 
LYS CD  CE   sing N N 195 
LYS CD  HD2  sing N N 196 
LYS CD  HD3  sing N N 197 
LYS CE  NZ   sing N N 198 
LYS CE  HE2  sing N N 199 
LYS CE  HE3  sing N N 200 
LYS NZ  HZ1  sing N N 201 
LYS NZ  HZ2  sing N N 202 
LYS NZ  HZ3  sing N N 203 
LYS OXT HXT  sing N N 204 
MSE N   CA   sing N N 205 
MSE N   H    sing N N 206 
MSE N   H2   sing N N 207 
MSE CA  C    sing N N 208 
MSE CA  CB   sing N N 209 
MSE CA  HA   sing N N 210 
MSE C   O    doub N N 211 
MSE C   OXT  sing N N 212 
MSE OXT HXT  sing N N 213 
MSE CB  CG   sing N N 214 
MSE CB  HB2  sing N N 215 
MSE CB  HB3  sing N N 216 
MSE CG  SE   sing N N 217 
MSE CG  HG2  sing N N 218 
MSE CG  HG3  sing N N 219 
MSE SE  CE   sing N N 220 
MSE CE  HE1  sing N N 221 
MSE CE  HE2  sing N N 222 
MSE CE  HE3  sing N N 223 
PHE N   CA   sing N N 224 
PHE N   H    sing N N 225 
PHE N   H2   sing N N 226 
PHE CA  C    sing N N 227 
PHE CA  CB   sing N N 228 
PHE CA  HA   sing N N 229 
PHE C   O    doub N N 230 
PHE C   OXT  sing N N 231 
PHE CB  CG   sing N N 232 
PHE CB  HB2  sing N N 233 
PHE CB  HB3  sing N N 234 
PHE CG  CD1  doub Y N 235 
PHE CG  CD2  sing Y N 236 
PHE CD1 CE1  sing Y N 237 
PHE CD1 HD1  sing N N 238 
PHE CD2 CE2  doub Y N 239 
PHE CD2 HD2  sing N N 240 
PHE CE1 CZ   doub Y N 241 
PHE CE1 HE1  sing N N 242 
PHE CE2 CZ   sing Y N 243 
PHE CE2 HE2  sing N N 244 
PHE CZ  HZ   sing N N 245 
PHE OXT HXT  sing N N 246 
PRO N   CA   sing N N 247 
PRO N   CD   sing N N 248 
PRO N   H    sing N N 249 
PRO CA  C    sing N N 250 
PRO CA  CB   sing N N 251 
PRO CA  HA   sing N N 252 
PRO C   O    doub N N 253 
PRO C   OXT  sing N N 254 
PRO CB  CG   sing N N 255 
PRO CB  HB2  sing N N 256 
PRO CB  HB3  sing N N 257 
PRO CG  CD   sing N N 258 
PRO CG  HG2  sing N N 259 
PRO CG  HG3  sing N N 260 
PRO CD  HD2  sing N N 261 
PRO CD  HD3  sing N N 262 
PRO OXT HXT  sing N N 263 
SER N   CA   sing N N 264 
SER N   H    sing N N 265 
SER N   H2   sing N N 266 
SER CA  C    sing N N 267 
SER CA  CB   sing N N 268 
SER CA  HA   sing N N 269 
SER C   O    doub N N 270 
SER C   OXT  sing N N 271 
SER CB  OG   sing N N 272 
SER CB  HB2  sing N N 273 
SER CB  HB3  sing N N 274 
SER OG  HG   sing N N 275 
SER OXT HXT  sing N N 276 
THR N   CA   sing N N 277 
THR N   H    sing N N 278 
THR N   H2   sing N N 279 
THR CA  C    sing N N 280 
THR CA  CB   sing N N 281 
THR CA  HA   sing N N 282 
THR C   O    doub N N 283 
THR C   OXT  sing N N 284 
THR CB  OG1  sing N N 285 
THR CB  CG2  sing N N 286 
THR CB  HB   sing N N 287 
THR OG1 HG1  sing N N 288 
THR CG2 HG21 sing N N 289 
THR CG2 HG22 sing N N 290 
THR CG2 HG23 sing N N 291 
THR OXT HXT  sing N N 292 
TYR N   CA   sing N N 293 
TYR N   H    sing N N 294 
TYR N   H2   sing N N 295 
TYR CA  C    sing N N 296 
TYR CA  CB   sing N N 297 
TYR CA  HA   sing N N 298 
TYR C   O    doub N N 299 
TYR C   OXT  sing N N 300 
TYR CB  CG   sing N N 301 
TYR CB  HB2  sing N N 302 
TYR CB  HB3  sing N N 303 
TYR CG  CD1  doub Y N 304 
TYR CG  CD2  sing Y N 305 
TYR CD1 CE1  sing Y N 306 
TYR CD1 HD1  sing N N 307 
TYR CD2 CE2  doub Y N 308 
TYR CD2 HD2  sing N N 309 
TYR CE1 CZ   doub Y N 310 
TYR CE1 HE1  sing N N 311 
TYR CE2 CZ   sing Y N 312 
TYR CE2 HE2  sing N N 313 
TYR CZ  OH   sing N N 314 
TYR OH  HH   sing N N 315 
TYR OXT HXT  sing N N 316 
VAL N   CA   sing N N 317 
VAL N   H    sing N N 318 
VAL N   H2   sing N N 319 
VAL CA  C    sing N N 320 
VAL CA  CB   sing N N 321 
VAL CA  HA   sing N N 322 
VAL C   O    doub N N 323 
VAL C   OXT  sing N N 324 
VAL CB  CG1  sing N N 325 
VAL CB  CG2  sing N N 326 
VAL CB  HB   sing N N 327 
VAL CG1 HG11 sing N N 328 
VAL CG1 HG12 sing N N 329 
VAL CG1 HG13 sing N N 330 
VAL CG2 HG21 sing N N 331 
VAL CG2 HG22 sing N N 332 
VAL CG2 HG23 sing N N 333 
VAL OXT HXT  sing N N 334 
# 
_atom_sites.entry_id                    3LYW 
_atom_sites.fract_transf_matrix[1][1]   0.00436640 
_atom_sites.fract_transf_matrix[1][2]   0.00034852 
_atom_sites.fract_transf_matrix[1][3]   0.02187373 
_atom_sites.fract_transf_matrix[2][1]   0.00096289 
_atom_sites.fract_transf_matrix[2][2]   0.02228049 
_atom_sites.fract_transf_matrix[2][3]   -0.00054721 
_atom_sites.fract_transf_matrix[3][1]   -0.01139203 
_atom_sites.fract_transf_matrix[3][2]   0.00054796 
_atom_sites.fract_transf_matrix[3][3]   0.00226533 
_atom_sites.fract_transf_vector[1]      0.001441 
_atom_sites.fract_transf_vector[2]      0.525188 
_atom_sites.fract_transf_vector[3]      0.382481 
# 
loop_
_atom_type.symbol 
C  
N  
O  
SE 
# 
loop_
_atom_site.group_PDB 
_atom_site.id 
_atom_site.type_symbol 
_atom_site.label_atom_id 
_atom_site.label_alt_id 
_atom_site.label_comp_id 
_atom_site.label_asym_id 
_atom_site.label_entity_id 
_atom_site.label_seq_id 
_atom_site.pdbx_PDB_ins_code 
_atom_site.Cartn_x 
_atom_site.Cartn_y 
_atom_site.Cartn_z 
_atom_site.occupancy 
_atom_site.B_iso_or_equiv 
_atom_site.pdbx_formal_charge 
_atom_site.auth_seq_id 
_atom_site.auth_comp_id 
_atom_site.auth_asym_id 
_atom_site.auth_atom_id 
_atom_site.pdbx_PDB_model_num 
ATOM   1   N  N   . ARG A 1 1  ? 1.596   20.754  -9.285  1.00 38.75 ? 1   ARG A N   1 
ATOM   2   C  CA  . ARG A 1 1  ? 0.616   20.629  -8.165  1.00 33.50 ? 1   ARG A CA  1 
ATOM   3   C  C   . ARG A 1 1  ? 1.224   19.825  -7.012  1.00 31.68 ? 1   ARG A C   1 
ATOM   4   O  O   . ARG A 1 1  ? 0.897   20.058  -5.846  1.00 36.82 ? 1   ARG A O   1 
ATOM   5   C  CB  . ARG A 1 1  ? -0.653  19.932  -8.656  1.00 36.53 ? 1   ARG A CB  1 
ATOM   6   C  CG  . ARG A 1 1  ? -1.853  20.069  -7.731  1.00 38.55 ? 1   ARG A CG  1 
ATOM   7   C  CD  . ARG A 1 1  ? -3.028  19.278  -8.273  1.00 47.49 ? 1   ARG A CD  1 
ATOM   8   N  NE  . ARG A 1 1  ? -4.299  19.676  -7.678  1.00 47.67 ? 1   ARG A NE  1 
ATOM   9   C  CZ  . ARG A 1 1  ? -5.468  19.144  -8.011  1.00 56.27 ? 1   ARG A CZ  1 
ATOM   10  N  NH1 . ARG A 1 1  ? -5.525  18.190  -8.933  1.00 54.89 ? 1   ARG A NH1 1 
ATOM   11  N  NH2 . ARG A 1 1  ? -6.584  19.569  -7.435  1.00 62.04 ? 1   ARG A NH2 1 
ATOM   12  N  N   . ASP A 1 2  ? 2.112   18.886  -7.346  1.00 26.14 ? 2   ASP A N   1 
ATOM   13  C  CA  . ASP A 1 2  ? 2.772   18.036  -6.346  1.00 22.70 ? 2   ASP A CA  1 
ATOM   14  C  C   . ASP A 1 2  ? 1.800   17.692  -5.220  1.00 22.51 ? 2   ASP A C   1 
ATOM   15  O  O   . ASP A 1 2  ? 2.062   17.975  -4.053  1.00 27.82 ? 2   ASP A O   1 
ATOM   16  C  CB  . ASP A 1 2  ? 3.993   18.755  -5.764  1.00 26.90 ? 2   ASP A CB  1 
ATOM   17  C  CG  . ASP A 1 2  ? 4.871   19.362  -6.839  1.00 35.76 ? 2   ASP A CG  1 
ATOM   18  O  OD1 . ASP A 1 2  ? 5.223   18.645  -7.802  1.00 27.73 ? 2   ASP A OD1 1 
ATOM   19  O  OD2 . ASP A 1 2  ? 5.203   20.560  -6.721  1.00 41.19 ? 2   ASP A OD2 1 
ATOM   20  N  N   . PRO A 1 3  ? 0.667   17.066  -5.559  1.00 25.04 ? 3   PRO A N   1 
ATOM   21  C  CA  . PRO A 1 3  ? -0.347  16.696  -4.569  1.00 22.67 ? 3   PRO A CA  1 
ATOM   22  C  C   . PRO A 1 3  ? 0.075   15.682  -3.511  1.00 27.12 ? 3   PRO A C   1 
ATOM   23  O  O   . PRO A 1 3  ? 0.842   14.759  -3.784  1.00 18.80 ? 3   PRO A O   1 
ATOM   24  C  CB  . PRO A 1 3  ? -1.483  16.171  -5.437  1.00 22.15 ? 3   PRO A CB  1 
ATOM   25  C  CG  . PRO A 1 3  ? -0.751  15.511  -6.567  1.00 27.37 ? 3   PRO A CG  1 
ATOM   26  C  CD  . PRO A 1 3  ? 0.316   16.540  -6.892  1.00 21.68 ? 3   PRO A CD  1 
ATOM   27  N  N   . THR A 1 4  ? -0.420  15.882  -2.292  1.00 26.40 ? 4   THR A N   1 
ATOM   28  C  CA  . THR A 1 4  ? -0.147  14.967  -1.192  1.00 24.69 ? 4   THR A CA  1 
ATOM   29  C  C   . THR A 1 4  ? -1.415  14.145  -1.147  1.00 21.20 ? 4   THR A C   1 
ATOM   30  O  O   . THR A 1 4  ? -2.505  14.696  -1.017  1.00 22.85 ? 4   THR A O   1 
ATOM   31  C  CB  . THR A 1 4  ? 0.040   15.709  0.137   1.00 29.66 ? 4   THR A CB  1 
ATOM   32  O  OG1 . THR A 1 4  ? 1.267   16.443  0.095   1.00 32.82 ? 4   THR A OG1 1 
ATOM   33  C  CG2 . THR A 1 4  ? 0.095   14.722  1.295   1.00 28.73 ? 4   THR A CG2 1 
ATOM   34  N  N   . LEU A 1 5  ? -1.279  12.832  -1.281  1.00 20.15 ? 5   LEU A N   1 
ATOM   35  C  CA  . LEU A 1 5  ? -2.436  11.954  -1.308  1.00 21.48 ? 5   LEU A CA  1 
ATOM   36  C  C   . LEU A 1 5  ? -2.560  11.062  -0.085  1.00 23.83 ? 5   LEU A C   1 
ATOM   37  O  O   . LEU A 1 5  ? -1.579  10.766  0.592   1.00 25.91 ? 5   LEU A O   1 
ATOM   38  C  CB  . LEU A 1 5  ? -2.369  11.069  -2.556  1.00 21.94 ? 5   LEU A CB  1 
ATOM   39  C  CG  . LEU A 1 5  ? -1.918  11.804  -3.822  1.00 24.04 ? 5   LEU A CG  1 
ATOM   40  C  CD1 . LEU A 1 5  ? -1.750  10.815  -4.965  1.00 26.92 ? 5   LEU A CD1 1 
ATOM   41  C  CD2 . LEU A 1 5  ? -2.911  12.884  -4.163  1.00 26.55 ? 5   LEU A CD2 1 
ATOM   42  N  N   . THR A 1 6  ? -3.791  10.644  0.187   1.00 20.37 ? 6   THR A N   1 
ATOM   43  C  CA  . THR A 1 6  ? -4.093  9.734   1.283   1.00 27.75 ? 6   THR A CA  1 
ATOM   44  C  C   . THR A 1 6  ? -4.727  8.534   0.597   1.00 29.24 ? 6   THR A C   1 
ATOM   45  O  O   . THR A 1 6  ? -5.864  8.612   0.121   1.00 27.76 ? 6   THR A O   1 
ATOM   46  C  CB  . THR A 1 6  ? -5.087  10.353  2.266   1.00 26.59 ? 6   THR A CB  1 
ATOM   47  O  OG1 . THR A 1 6  ? -4.521  11.562  2.788   1.00 24.47 ? 6   THR A OG1 1 
ATOM   48  C  CG2 . THR A 1 6  ? -5.383  9.388   3.414   1.00 32.14 ? 6   THR A CG2 1 
ATOM   49  N  N   . LEU A 1 7  ? -3.982  7.435   0.524   1.00 19.17 ? 7   LEU A N   1 
ATOM   50  C  CA  . LEU A 1 7  ? -4.468  6.244   -0.158  1.00 20.54 ? 7   LEU A CA  1 
ATOM   51  C  C   . LEU A 1 7  ? -4.739  5.111   0.817   1.00 22.12 ? 7   LEU A C   1 
ATOM   52  O  O   . LEU A 1 7  ? -4.117  5.033   1.884   1.00 18.63 ? 7   LEU A O   1 
ATOM   53  C  CB  . LEU A 1 7  ? -3.431  5.774   -1.175  1.00 23.36 ? 7   LEU A CB  1 
ATOM   54  C  CG  . LEU A 1 7  ? -2.876  6.849   -2.102  1.00 28.73 ? 7   LEU A CG  1 
ATOM   55  C  CD1 . LEU A 1 7  ? -1.727  6.264   -2.901  1.00 28.51 ? 7   LEU A CD1 1 
ATOM   56  C  CD2 . LEU A 1 7  ? -3.971  7.386   -3.003  1.00 34.80 ? 7   LEU A CD2 1 
ATOM   57  N  N   . SER A 1 8  ? -5.677  4.240   0.463   1.00 22.44 ? 8   SER A N   1 
ATOM   58  C  CA  . SER A 1 8  ? -5.962  3.100   1.311   1.00 24.17 ? 8   SER A CA  1 
ATOM   59  C  C   . SER A 1 8  ? -4.914  2.046   0.941   1.00 19.34 ? 8   SER A C   1 
ATOM   60  O  O   . SER A 1 8  ? -4.400  2.030   -0.186  1.00 17.51 ? 8   SER A O   1 
ATOM   61  C  CB  . SER A 1 8  ? -7.379  2.587   1.057   1.00 27.95 ? 8   SER A CB  1 
ATOM   62  O  OG  . SER A 1 8  ? -7.580  2.317   -0.311  1.00 47.41 ? 8   SER A OG  1 
ATOM   63  N  N   . LEU A 1 9  ? -4.585  1.182   1.894   1.00 18.54 ? 9   LEU A N   1 
ATOM   64  C  CA  . LEU A 1 9  ? -3.584  0.144   1.676   1.00 17.58 ? 9   LEU A CA  1 
ATOM   65  C  C   . LEU A 1 9  ? -4.227  -1.184  1.306   1.00 19.17 ? 9   LEU A C   1 
ATOM   66  O  O   . LEU A 1 9  ? -5.169  -1.630  1.956   1.00 22.04 ? 9   LEU A O   1 
ATOM   67  C  CB  . LEU A 1 9  ? -2.730  -0.025  2.936   1.00 16.84 ? 9   LEU A CB  1 
ATOM   68  C  CG  . LEU A 1 9  ? -1.516  -0.961  2.838   1.00 21.32 ? 9   LEU A CG  1 
ATOM   69  C  CD1 . LEU A 1 9  ? -0.599  -0.509  1.717   1.00 18.72 ? 9   LEU A CD1 1 
ATOM   70  C  CD2 . LEU A 1 9  ? -0.771  -0.973  4.160   1.00 23.00 ? 9   LEU A CD2 1 
ATOM   71  N  N   . ILE A 1 10 ? -3.709  -1.799  0.249   1.00 17.78 ? 10  ILE A N   1 
ATOM   72  C  CA  . ILE A 1 10 ? -4.219  -3.067  -0.258  1.00 23.30 ? 10  ILE A CA  1 
ATOM   73  C  C   . ILE A 1 10 ? -3.161  -4.156  -0.206  1.00 18.98 ? 10  ILE A C   1 
ATOM   74  O  O   . ILE A 1 10 ? -1.981  -3.904  -0.460  1.00 23.97 ? 10  ILE A O   1 
ATOM   75  C  CB  . ILE A 1 10 ? -4.684  -2.919  -1.717  1.00 17.09 ? 10  ILE A CB  1 
ATOM   76  C  CG1 . ILE A 1 10 ? -5.869  -1.959  -1.774  1.00 30.53 ? 10  ILE A CG1 1 
ATOM   77  C  CG2 . ILE A 1 10 ? -5.055  -4.278  -2.297  1.00 25.35 ? 10  ILE A CG2 1 
ATOM   78  C  CD1 . ILE A 1 10 ? -6.989  -2.324  -0.816  1.00 18.97 ? 10  ILE A CD1 1 
ATOM   79  N  N   . ALA A 1 11 ? -3.578  -5.368  0.134   1.00 14.24 ? 11  ALA A N   1 
ATOM   80  C  CA  . ALA A 1 11 ? -2.623  -6.461  0.194   1.00 17.03 ? 11  ALA A CA  1 
ATOM   81  C  C   . ALA A 1 11 ? -2.671  -7.254  -1.103  1.00 19.09 ? 11  ALA A C   1 
ATOM   82  O  O   . ALA A 1 11 ? -3.747  -7.586  -1.579  1.00 25.77 ? 11  ALA A O   1 
ATOM   83  C  CB  . ALA A 1 11 ? -2.942  -7.361  1.366   1.00 21.35 ? 11  ALA A CB  1 
ATOM   84  N  N   . LYS A 1 12 ? -1.507  -7.546  -1.674  1.00 16.56 ? 12  LYS A N   1 
ATOM   85  C  CA  . LYS A 1 12 ? -1.450  -8.337  -2.898  1.00 16.66 ? 12  LYS A CA  1 
ATOM   86  C  C   . LYS A 1 12 ? -0.812  -9.701  -2.611  1.00 16.18 ? 12  LYS A C   1 
ATOM   87  O  O   . LYS A 1 12 ? 0.006   -9.849  -1.699  1.00 15.92 ? 12  LYS A O   1 
ATOM   88  C  CB  . LYS A 1 12 ? -0.644  -7.604  -3.968  1.00 18.84 ? 12  LYS A CB  1 
ATOM   89  C  CG  . LYS A 1 12 ? -1.172  -6.232  -4.321  1.00 22.70 ? 12  LYS A CG  1 
ATOM   90  C  CD  . LYS A 1 12 ? -2.500  -6.290  -5.072  1.00 18.75 ? 12  LYS A CD  1 
ATOM   91  C  CE  . LYS A 1 12 ? -2.914  -4.895  -5.541  1.00 22.88 ? 12  LYS A CE  1 
ATOM   92  N  NZ  . LYS A 1 12 ? -4.216  -4.896  -6.261  1.00 23.22 ? 12  LYS A NZ  1 
ATOM   93  N  N   . ASN A 1 13 ? -1.211  -10.698 -3.389  1.00 13.93 ? 13  ASN A N   1 
ATOM   94  C  CA  . ASN A 1 13 ? -0.701  -12.045 -3.259  1.00 16.05 ? 13  ASN A CA  1 
ATOM   95  C  C   . ASN A 1 13 ? -0.805  -12.651 -1.867  1.00 18.56 ? 13  ASN A C   1 
ATOM   96  O  O   . ASN A 1 13 ? 0.099   -13.353 -1.418  1.00 15.17 ? 13  ASN A O   1 
ATOM   97  C  CB  . ASN A 1 13 ? 0.743   -12.082 -3.757  1.00 24.63 ? 13  ASN A CB  1 
ATOM   98  C  CG  . ASN A 1 13 ? 0.868   -11.577 -5.184  1.00 22.19 ? 13  ASN A CG  1 
ATOM   99  O  OD1 . ASN A 1 13 ? 1.519   -10.571 -5.441  1.00 30.13 ? 13  ASN A OD1 1 
ATOM   100 N  ND2 . ASN A 1 13 ? 0.234   -12.269 -6.114  1.00 16.02 ? 13  ASN A ND2 1 
ATOM   101 N  N   . THR A 1 14 ? -1.911  -12.378 -1.181  1.00 16.73 ? 14  THR A N   1 
ATOM   102 C  CA  . THR A 1 14 ? -2.125  -12.947 0.141   1.00 20.37 ? 14  THR A CA  1 
ATOM   103 C  C   . THR A 1 14 ? -2.173  -14.459 -0.066  1.00 22.44 ? 14  THR A C   1 
ATOM   104 O  O   . THR A 1 14 ? -2.970  -14.953 -0.857  1.00 22.88 ? 14  THR A O   1 
ATOM   105 C  CB  . THR A 1 14 ? -3.471  -12.496 0.745   1.00 17.69 ? 14  THR A CB  1 
ATOM   106 O  OG1 . THR A 1 14 ? -3.464  -11.075 0.937   1.00 20.67 ? 14  THR A OG1 1 
ATOM   107 C  CG2 . THR A 1 14 ? -3.713  -13.185 2.090   1.00 21.98 ? 14  THR A CG2 1 
ATOM   108 N  N   . PRO A 1 15 ? -1.326  -15.210 0.649   1.00 15.73 ? 15  PRO A N   1 
ATOM   109 C  CA  . PRO A 1 15 ? -1.298  -16.665 0.515   1.00 23.24 ? 15  PRO A CA  1 
ATOM   110 C  C   . PRO A 1 15 ? -2.680  -17.277 0.601   1.00 27.86 ? 15  PRO A C   1 
ATOM   111 O  O   . PRO A 1 15 ? -3.506  -16.838 1.385   1.00 20.57 ? 15  PRO A O   1 
ATOM   112 C  CB  . PRO A 1 15 ? -0.408  -17.092 1.670   1.00 29.64 ? 15  PRO A CB  1 
ATOM   113 C  CG  . PRO A 1 15 ? 0.593   -15.987 1.712   1.00 24.40 ? 15  PRO A CG  1 
ATOM   114 C  CD  . PRO A 1 15 ? -0.286  -14.752 1.585   1.00 18.67 ? 15  PRO A CD  1 
ATOM   115 N  N   . ALA A 1 16 ? -2.946  -18.283 -0.221  1.00 27.94 ? 16  ALA A N   1 
ATOM   116 C  CA  . ALA A 1 16 ? -4.248  -18.937 -0.180  1.00 31.72 ? 16  ALA A CA  1 
ATOM   117 C  C   . ALA A 1 16 ? -4.408  -19.612 1.177   1.00 25.76 ? 16  ALA A C   1 
ATOM   118 O  O   . ALA A 1 16 ? -3.426  -19.956 1.838   1.00 23.60 ? 16  ALA A O   1 
ATOM   119 C  CB  . ALA A 1 16 ? -4.360  -19.967 -1.292  1.00 35.23 ? 16  ALA A CB  1 
ATOM   120 N  N   . ASN A 1 17 ? -5.650  -19.783 1.605   1.00 26.22 ? 17  ASN A N   1 
ATOM   121 C  CA  . ASN A 1 17 ? -5.919  -20.424 2.889   1.00 35.63 ? 17  ASN A CA  1 
ATOM   122 C  C   . ASN A 1 17 ? -5.265  -19.702 4.069   1.00 30.85 ? 17  ASN A C   1 
ATOM   123 O  O   . ASN A 1 17 ? -4.861  -20.326 5.046   1.00 29.63 ? 17  ASN A O   1 
ATOM   124 C  CB  . ASN A 1 17 ? -5.451  -21.881 2.849   1.00 39.29 ? 17  ASN A CB  1 
ATOM   125 C  CG  . ASN A 1 17 ? -6.098  -22.660 1.720   1.00 45.82 ? 17  ASN A CG  1 
ATOM   126 O  OD1 . ASN A 1 17 ? -7.322  -22.808 1.680   1.00 42.42 ? 17  ASN A OD1 1 
ATOM   127 N  ND2 . ASN A 1 17 ? -5.281  -23.149 0.787   1.00 44.80 ? 17  ASN A ND2 1 
ATOM   128 N  N   . SER A 1 18 ? -5.154  -18.384 3.965   1.00 27.27 ? 18  SER A N   1 
ATOM   129 C  CA  . SER A 1 18 ? -4.574  -17.583 5.033   1.00 25.55 ? 18  SER A CA  1 
ATOM   130 C  C   . SER A 1 18 ? -5.302  -16.249 5.102   1.00 19.78 ? 18  SER A C   1 
ATOM   131 O  O   . SER A 1 18 ? -5.807  -15.754 4.100   1.00 27.66 ? 18  SER A O   1 
ATOM   132 C  CB  . SER A 1 18 ? -3.074  -17.370 4.800   1.00 30.69 ? 18  SER A CB  1 
ATOM   133 O  OG  . SER A 1 18 ? -2.843  -16.469 3.732   1.00 47.63 ? 18  SER A OG  1 
HETATM 134 N  N   . MSE A 1 19 ? -5.363  -15.664 6.289   1.00 20.62 ? 19  MSE A N   1 
HETATM 135 C  CA  . MSE A 1 19 ? -6.066  -14.405 6.458   1.00 25.83 ? 19  MSE A CA  1 
HETATM 136 C  C   . MSE A 1 19 ? -5.252  -13.372 7.206   1.00 19.21 ? 19  MSE A C   1 
HETATM 137 O  O   . MSE A 1 19 ? -4.542  -13.697 8.163   1.00 19.97 ? 19  MSE A O   1 
HETATM 138 C  CB  . MSE A 1 19 ? -7.370  -14.624 7.218   1.00 25.38 ? 19  MSE A CB  1 
HETATM 139 C  CG  . MSE A 1 19 ? -8.274  -13.412 7.204   1.00 46.81 ? 19  MSE A CG  1 
HETATM 140 SE SE  . MSE A 1 19 ? -9.805  -13.664 8.327   1.00 54.54 ? 19  MSE A SE  1 
HETATM 141 C  CE  . MSE A 1 19 ? -10.774 -14.939 7.256   1.00 41.35 ? 19  MSE A CE  1 
ATOM   142 N  N   . ILE A 1 20 ? -5.386  -12.118 6.779   1.00 19.66 ? 20  ILE A N   1 
ATOM   143 C  CA  . ILE A 1 20 ? -4.680  -11.008 7.412   1.00 16.60 ? 20  ILE A CA  1 
ATOM   144 C  C   . ILE A 1 20 ? -5.526  -10.632 8.620   1.00 19.11 ? 20  ILE A C   1 
ATOM   145 O  O   . ILE A 1 20 ? -6.724  -10.359 8.491   1.00 16.39 ? 20  ILE A O   1 
ATOM   146 C  CB  . ILE A 1 20 ? -4.582  -9.791  6.465   1.00 19.45 ? 20  ILE A CB  1 
ATOM   147 C  CG1 . ILE A 1 20 ? -3.759  -10.160 5.223   1.00 21.43 ? 20  ILE A CG1 1 
ATOM   148 C  CG2 . ILE A 1 20 ? -3.953  -8.604  7.202   1.00 18.71 ? 20  ILE A CG2 1 
ATOM   149 C  CD1 . ILE A 1 20 ? -3.740  -9.086  4.141   1.00 18.33 ? 20  ILE A CD1 1 
HETATM 150 N  N   . MSE A 1 21 ? -4.905  -10.634 9.794   1.00 16.16 ? 21  MSE A N   1 
HETATM 151 C  CA  . MSE A 1 21 ? -5.599  -10.326 11.040  1.00 17.71 ? 21  MSE A CA  1 
HETATM 152 C  C   . MSE A 1 21 ? -5.551  -8.841  11.392  1.00 20.54 ? 21  MSE A C   1 
HETATM 153 O  O   . MSE A 1 21 ? -6.364  -8.339  12.181  1.00 24.25 ? 21  MSE A O   1 
HETATM 154 C  CB  . MSE A 1 21 ? -4.955  -11.123 12.171  1.00 21.55 ? 21  MSE A CB  1 
HETATM 155 C  CG  . MSE A 1 21 ? -4.837  -12.606 11.894  1.00 19.71 ? 21  MSE A CG  1 
HETATM 156 SE SE  . MSE A 1 21 ? -6.573  -13.429 11.646  1.00 34.89 ? 21  MSE A SE  1 
HETATM 157 C  CE  . MSE A 1 21 ? -7.228  -13.358 13.428  1.00 34.98 ? 21  MSE A CE  1 
ATOM   158 N  N   . THR A 1 22 ? -4.605  -8.137  10.782  1.00 17.58 ? 22  THR A N   1 
ATOM   159 C  CA  . THR A 1 22 ? -4.403  -6.713  11.049  1.00 20.63 ? 22  THR A CA  1 
ATOM   160 C  C   . THR A 1 22 ? -5.185  -5.782  10.115  1.00 18.63 ? 22  THR A C   1 
ATOM   161 O  O   . THR A 1 22 ? -5.261  -6.020  8.916   1.00 21.81 ? 22  THR A O   1 
ATOM   162 C  CB  . THR A 1 22 ? -2.906  -6.363  10.913  1.00 21.14 ? 22  THR A CB  1 
ATOM   163 O  OG1 . THR A 1 22 ? -2.119  -7.423  11.466  1.00 20.26 ? 22  THR A OG1 1 
ATOM   164 C  CG2 . THR A 1 22 ? -2.584  -5.082  11.626  1.00 25.10 ? 22  THR A CG2 1 
ATOM   165 N  N   . LYS A 1 23 ? -5.758  -4.718  10.672  1.00 21.73 ? 23  LYS A N   1 
ATOM   166 C  CA  . LYS A 1 23 ? -6.492  -3.733  9.877   1.00 18.40 ? 23  LYS A CA  1 
ATOM   167 C  C   . LYS A 1 23 ? -5.424  -2.909  9.169   1.00 21.58 ? 23  LYS A C   1 
ATOM   168 O  O   . LYS A 1 23 ? -4.527  -2.380  9.811   1.00 24.68 ? 23  LYS A O   1 
ATOM   169 C  CB  . LYS A 1 23 ? -7.316  -2.828  10.794  1.00 23.95 ? 23  LYS A CB  1 
ATOM   170 C  CG  . LYS A 1 23 ? -8.222  -1.831  10.068  1.00 30.14 ? 23  LYS A CG  1 
ATOM   171 C  CD  . LYS A 1 23 ? -9.017  -1.009  11.075  1.00 35.14 ? 23  LYS A CD  1 
ATOM   172 C  CE  . LYS A 1 23 ? -10.022 -0.080  10.388  1.00 40.83 ? 23  LYS A CE  1 
ATOM   173 N  NZ  . LYS A 1 23 ? -9.356  0.873   9.464   1.00 39.68 ? 23  LYS A NZ  1 
ATOM   174 N  N   . LEU A 1 24 ? -5.503  -2.807  7.849   1.00 18.10 ? 24  LEU A N   1 
ATOM   175 C  CA  . LEU A 1 24 ? -4.501  -2.050  7.101   1.00 21.84 ? 24  LEU A CA  1 
ATOM   176 C  C   . LEU A 1 24 ? -4.676  -0.543  7.256   1.00 20.51 ? 24  LEU A C   1 
ATOM   177 O  O   . LEU A 1 24 ? -5.753  -0.015  6.990   1.00 26.00 ? 24  LEU A O   1 
ATOM   178 C  CB  . LEU A 1 24 ? -4.552  -2.438  5.621   1.00 27.46 ? 24  LEU A CB  1 
ATOM   179 C  CG  . LEU A 1 24 ? -4.337  -3.933  5.362   1.00 35.92 ? 24  LEU A CG  1 
ATOM   180 C  CD1 . LEU A 1 24 ? -4.378  -4.213  3.870   1.00 38.31 ? 24  LEU A CD1 1 
ATOM   181 C  CD2 . LEU A 1 24 ? -3.003  -4.352  5.951   1.00 30.73 ? 24  LEU A CD2 1 
ATOM   182 N  N   . PRO A 1 25 ? -3.616  0.167   7.689   1.00 21.73 ? 25  PRO A N   1 
ATOM   183 C  CA  . PRO A 1 25 ? -3.684  1.618   7.873   1.00 21.09 ? 25  PRO A CA  1 
ATOM   184 C  C   . PRO A 1 25 ? -3.701  2.338   6.540   1.00 20.64 ? 25  PRO A C   1 
ATOM   185 O  O   . PRO A 1 25 ? -3.464  1.724   5.502   1.00 20.92 ? 25  PRO A O   1 
ATOM   186 C  CB  . PRO A 1 25 ? -2.425  1.913   8.678   1.00 16.06 ? 25  PRO A CB  1 
ATOM   187 C  CG  . PRO A 1 25 ? -1.458  0.920   8.111   1.00 20.71 ? 25  PRO A CG  1 
ATOM   188 C  CD  . PRO A 1 25 ? -2.284  -0.342  8.060   1.00 26.17 ? 25  PRO A CD  1 
ATOM   189 N  N   . SER A 1 26 ? -4.023  3.627   6.573   1.00 19.66 ? 26  SER A N   1 
ATOM   190 C  CA  . SER A 1 26 ? -4.040  4.435   5.366   1.00 21.60 ? 26  SER A CA  1 
ATOM   191 C  C   . SER A 1 26 ? -2.601  4.882   5.167   1.00 20.72 ? 26  SER A C   1 
ATOM   192 O  O   . SER A 1 26 ? -1.788  4.781   6.083   1.00 21.67 ? 26  SER A O   1 
ATOM   193 C  CB  . SER A 1 26 ? -4.954  5.654   5.532   1.00 27.80 ? 26  SER A CB  1 
ATOM   194 O  OG  . SER A 1 26 ? -4.555  6.458   6.631   1.00 33.27 ? 26  SER A OG  1 
ATOM   195 N  N   . VAL A 1 27 ? -2.295  5.376   3.978   1.00 19.06 ? 27  VAL A N   1 
ATOM   196 C  CA  . VAL A 1 27 ? -0.945  5.803   3.648   1.00 21.99 ? 27  VAL A CA  1 
ATOM   197 C  C   . VAL A 1 27 ? -0.935  7.225   3.083   1.00 18.27 ? 27  VAL A C   1 
ATOM   198 O  O   . VAL A 1 27 ? -1.779  7.571   2.246   1.00 17.64 ? 27  VAL A O   1 
ATOM   199 C  CB  . VAL A 1 27 ? -0.334  4.858   2.592   1.00 17.81 ? 27  VAL A CB  1 
ATOM   200 C  CG1 . VAL A 1 27 ? 1.045   5.337   2.207   1.00 20.20 ? 27  VAL A CG1 1 
ATOM   201 C  CG2 . VAL A 1 27 ? -0.270  3.448   3.136   1.00 22.58 ? 27  VAL A CG2 1 
ATOM   202 N  N   . ARG A 1 28 ? 0.017   8.043   3.538   1.00 16.19 ? 28  ARG A N   1 
ATOM   203 C  CA  . ARG A 1 28 ? 0.138   9.414   3.031   1.00 19.36 ? 28  ARG A CA  1 
ATOM   204 C  C   . ARG A 1 28 ? 1.299   9.434   2.042   1.00 17.39 ? 28  ARG A C   1 
ATOM   205 O  O   . ARG A 1 28 ? 2.397   8.973   2.363   1.00 22.22 ? 28  ARG A O   1 
ATOM   206 C  CB  . ARG A 1 28 ? 0.418   10.386  4.172   1.00 19.86 ? 28  ARG A CB  1 
ATOM   207 C  CG  . ARG A 1 28 ? -0.740  10.522  5.118   1.00 40.63 ? 28  ARG A CG  1 
ATOM   208 C  CD  . ARG A 1 28 ? -1.478  11.831  4.926   1.00 47.40 ? 28  ARG A CD  1 
ATOM   209 N  NE  . ARG A 1 28 ? -1.134  12.787  5.976   1.00 55.80 ? 28  ARG A NE  1 
ATOM   210 C  CZ  . ARG A 1 28 ? -1.837  13.880  6.256   1.00 58.72 ? 28  ARG A CZ  1 
ATOM   211 N  NH1 . ARG A 1 28 ? -2.930  14.166  5.561   1.00 56.75 ? 28  ARG A NH1 1 
ATOM   212 N  NH2 . ARG A 1 28 ? -1.456  14.681  7.244   1.00 50.60 ? 28  ARG A NH2 1 
ATOM   213 N  N   . VAL A 1 29 ? 1.055   9.975   0.850   1.00 17.73 ? 29  VAL A N   1 
ATOM   214 C  CA  . VAL A 1 29 ? 2.069   10.020  -0.192  1.00 16.05 ? 29  VAL A CA  1 
ATOM   215 C  C   . VAL A 1 29 ? 2.329   11.426  -0.717  1.00 18.98 ? 29  VAL A C   1 
ATOM   216 O  O   . VAL A 1 29 ? 1.405   12.141  -1.082  1.00 24.65 ? 29  VAL A O   1 
ATOM   217 C  CB  . VAL A 1 29 ? 1.654   9.118   -1.384  1.00 19.46 ? 29  VAL A CB  1 
ATOM   218 C  CG1 . VAL A 1 29 ? 2.705   9.173   -2.483  1.00 26.54 ? 29  VAL A CG1 1 
ATOM   219 C  CG2 . VAL A 1 29 ? 1.454   7.678   -0.909  1.00 21.50 ? 29  VAL A CG2 1 
ATOM   220 N  N   . LYS A 1 30 ? 3.600   11.815  -0.734  1.00 19.59 ? 30  LYS A N   1 
ATOM   221 C  CA  . LYS A 1 30 ? 4.008   13.109  -1.257  1.00 20.54 ? 30  LYS A CA  1 
ATOM   222 C  C   . LYS A 1 30 ? 4.468   12.817  -2.669  1.00 19.40 ? 30  LYS A C   1 
ATOM   223 O  O   . LYS A 1 30 ? 5.111   11.791  -2.926  1.00 15.99 ? 30  LYS A O   1 
ATOM   224 C  CB  . LYS A 1 30 ? 5.156   13.698  -0.440  1.00 23.55 ? 30  LYS A CB  1 
ATOM   225 C  CG  . LYS A 1 30 ? 4.743   14.139  0.951   1.00 28.98 ? 30  LYS A CG  1 
ATOM   226 C  CD  . LYS A 1 30 ? 5.859   14.891  1.642   1.00 36.01 ? 30  LYS A CD  1 
ATOM   227 C  CE  . LYS A 1 30 ? 5.469   15.296  3.054   1.00 41.80 ? 30  LYS A CE  1 
ATOM   228 N  NZ  . LYS A 1 30 ? 6.624   15.901  3.781   1.00 47.91 ? 30  LYS A NZ  1 
ATOM   229 N  N   . THR A 1 31 ? 4.154   13.724  -3.584  1.00 22.48 ? 31  THR A N   1 
ATOM   230 C  CA  . THR A 1 31 ? 4.484   13.508  -4.981  1.00 21.62 ? 31  THR A CA  1 
ATOM   231 C  C   . THR A 1 31 ? 5.008   14.744  -5.685  1.00 19.46 ? 31  THR A C   1 
ATOM   232 O  O   . THR A 1 31 ? 4.916   15.860  -5.164  1.00 23.52 ? 31  THR A O   1 
ATOM   233 C  CB  . THR A 1 31 ? 3.232   13.072  -5.746  1.00 17.37 ? 31  THR A CB  1 
ATOM   234 O  OG1 . THR A 1 31 ? 2.334   14.184  -5.836  1.00 23.01 ? 31  THR A OG1 1 
ATOM   235 C  CG2 . THR A 1 31 ? 2.522   11.955  -5.023  1.00 15.00 ? 31  THR A CG2 1 
ATOM   236 N  N   . GLU A 1 32 ? 5.535   14.526  -6.887  1.00 24.24 ? 32  GLU A N   1 
ATOM   237 C  CA  . GLU A 1 32 ? 6.024   15.621  -7.706  1.00 30.34 ? 32  GLU A CA  1 
ATOM   238 C  C   . GLU A 1 32 ? 5.460   15.420  -9.101  1.00 23.13 ? 32  GLU A C   1 
ATOM   239 O  O   . GLU A 1 32 ? 5.578   14.335  -9.676  1.00 24.37 ? 32  GLU A O   1 
ATOM   240 C  CB  . GLU A 1 32 ? 7.556   15.644  -7.737  1.00 33.62 ? 32  GLU A CB  1 
ATOM   241 C  CG  . GLU A 1 32 ? 8.174   15.745  -6.350  1.00 49.59 ? 32  GLU A CG  1 
ATOM   242 C  CD  . GLU A 1 32 ? 9.577   16.327  -6.354  1.00 49.57 ? 32  GLU A CD  1 
ATOM   243 O  OE1 . GLU A 1 32 ? 10.406  15.894  -7.179  1.00 45.06 ? 32  GLU A OE1 1 
ATOM   244 O  OE2 . GLU A 1 32 ? 9.848   17.214  -5.517  1.00 51.22 ? 32  GLU A OE2 1 
ATOM   245 N  N   . GLY A 1 33 ? 4.831   16.467  -9.629  1.00 23.90 ? 33  GLY A N   1 
ATOM   246 C  CA  . GLY A 1 33 ? 4.242   16.386  -10.949 1.00 24.86 ? 33  GLY A CA  1 
ATOM   247 C  C   . GLY A 1 33 ? 2.816   16.892  -10.924 1.00 24.39 ? 33  GLY A C   1 
ATOM   248 O  O   . GLY A 1 33 ? 2.345   17.374  -9.890  1.00 21.65 ? 33  GLY A O   1 
ATOM   249 N  N   . TYR A 1 34 ? 2.128   16.785  -12.057 1.00 26.17 ? 34  TYR A N   1 
ATOM   250 C  CA  . TYR A 1 34 ? 0.747   17.240  -12.160 1.00 26.20 ? 34  TYR A CA  1 
ATOM   251 C  C   . TYR A 1 34 ? -0.130  16.192  -12.837 1.00 22.41 ? 34  TYR A C   1 
ATOM   252 O  O   . TYR A 1 34 ? 0.332   15.445  -13.699 1.00 21.21 ? 34  TYR A O   1 
ATOM   253 C  CB  . TYR A 1 34 ? 0.674   18.562  -12.926 1.00 29.23 ? 34  TYR A CB  1 
ATOM   254 C  CG  . TYR A 1 34 ? -0.730  19.096  -13.095 1.00 27.67 ? 34  TYR A CG  1 
ATOM   255 C  CD1 . TYR A 1 34 ? -1.525  19.374  -11.991 1.00 28.08 ? 34  TYR A CD1 1 
ATOM   256 C  CD2 . TYR A 1 34 ? -1.260  19.324  -14.357 1.00 25.94 ? 34  TYR A CD2 1 
ATOM   257 C  CE1 . TYR A 1 34 ? -2.809  19.862  -12.139 1.00 27.53 ? 34  TYR A CE1 1 
ATOM   258 C  CE2 . TYR A 1 34 ? -2.543  19.814  -14.516 1.00 27.83 ? 34  TYR A CE2 1 
ATOM   259 C  CZ  . TYR A 1 34 ? -3.313  20.080  -13.404 1.00 34.56 ? 34  TYR A CZ  1 
ATOM   260 O  OH  . TYR A 1 34 ? -4.591  20.567  -13.557 1.00 33.05 ? 34  TYR A OH  1 
ATOM   261 N  N   . ASN A 1 35 ? -1.398  16.144  -12.441 1.00 22.97 ? 35  ASN A N   1 
ATOM   262 C  CA  . ASN A 1 35 ? -2.342  15.189  -13.009 1.00 23.05 ? 35  ASN A CA  1 
ATOM   263 C  C   . ASN A 1 35 ? -3.783  15.502  -12.619 1.00 22.77 ? 35  ASN A C   1 
ATOM   264 O  O   . ASN A 1 35 ? -4.220  15.184  -11.513 1.00 28.51 ? 35  ASN A O   1 
ATOM   265 C  CB  . ASN A 1 35 ? -1.981  13.763  -12.587 1.00 26.29 ? 35  ASN A CB  1 
ATOM   266 C  CG  . ASN A 1 35 ? -2.667  12.713  -13.438 1.00 21.20 ? 35  ASN A CG  1 
ATOM   267 O  OD1 . ASN A 1 35 ? -3.828  12.867  -13.817 1.00 21.89 ? 35  ASN A OD1 1 
ATOM   268 N  ND2 . ASN A 1 35 ? -1.951  11.637  -13.741 1.00 16.71 ? 35  ASN A ND2 1 
ATOM   269 N  N   . PRO A 1 36 ? -4.516  16.127  -13.534 1.00 28.11 ? 36  PRO A N   1 
ATOM   270 C  CA  . PRO A 1 36 ? -5.915  16.487  -13.286 1.00 30.70 ? 36  PRO A CA  1 
ATOM   271 C  C   . PRO A 1 36 ? -6.877  15.521  -13.969 1.00 33.27 ? 36  PRO A C   1 
ATOM   272 O  O   . PRO A 1 36 ? -7.330  15.785  -15.083 1.00 30.62 ? 36  PRO A O   1 
ATOM   273 C  CB  . PRO A 1 36 ? -6.032  17.876  -13.915 1.00 26.11 ? 36  PRO A CB  1 
ATOM   274 C  CG  . PRO A 1 36 ? -5.006  17.882  -14.992 1.00 31.89 ? 36  PRO A CG  1 
ATOM   275 C  CD  . PRO A 1 36 ? -3.864  17.054  -14.476 1.00 32.59 ? 36  PRO A CD  1 
ATOM   276 N  N   . SER A 1 37 ? -7.183  14.412  -13.302 1.00 23.16 ? 37  SER A N   1 
ATOM   277 C  CA  . SER A 1 37 ? -8.092  13.413  -13.852 1.00 38.28 ? 37  SER A CA  1 
ATOM   278 C  C   . SER A 1 37 ? -7.809  12.032  -13.272 1.00 38.00 ? 37  SER A C   1 
ATOM   279 O  O   . SER A 1 37 ? -8.356  11.030  -13.734 1.00 52.95 ? 37  SER A O   1 
ATOM   280 C  CB  . SER A 1 37 ? -7.986  13.375  -15.378 1.00 42.05 ? 37  SER A CB  1 
ATOM   281 O  OG  . SER A 1 37 ? -7.093  12.361  -15.802 1.00 51.69 ? 37  SER A OG  1 
ATOM   282 N  N   . ILE A 1 38 ? -6.950  11.985  -12.258 1.00 42.14 ? 38  ILE A N   1 
ATOM   283 C  CA  . ILE A 1 38 ? -6.593  10.727  -11.614 1.00 44.97 ? 38  ILE A CA  1 
ATOM   284 C  C   . ILE A 1 38 ? -7.359  10.539  -10.309 1.00 42.30 ? 38  ILE A C   1 
ATOM   285 O  O   . ILE A 1 38 ? -7.046  11.168  -9.298  1.00 38.64 ? 38  ILE A O   1 
ATOM   286 C  CB  . ILE A 1 38 ? -5.082  10.649  -11.328 1.00 42.48 ? 38  ILE A CB  1 
ATOM   287 C  CG1 . ILE A 1 38 ? -4.634  11.855  -10.498 1.00 38.45 ? 38  ILE A CG1 1 
ATOM   288 C  CG2 . ILE A 1 38 ? -4.296  10.569  -12.628 1.00 51.10 ? 38  ILE A CG2 1 
ATOM   289 C  CD1 . ILE A 1 38 ? -4.199  11.501  -9.093  1.00 32.65 ? 38  ILE A CD1 1 
ATOM   290 N  N   . ASN A 1 39 ? -8.362  9.669   -10.338 1.00 44.05 ? 39  ASN A N   1 
ATOM   291 C  CA  . ASN A 1 39 ? -9.173  9.395   -9.157  1.00 36.84 ? 39  ASN A CA  1 
ATOM   292 C  C   . ASN A 1 39 ? -8.326  8.971   -7.962  1.00 36.89 ? 39  ASN A C   1 
ATOM   293 O  O   . ASN A 1 39 ? -7.719  7.901   -7.968  1.00 38.10 ? 39  ASN A O   1 
ATOM   294 C  CB  . ASN A 1 39 ? -10.223 8.325   -9.465  1.00 38.43 ? 39  ASN A CB  1 
ATOM   295 C  CG  . ASN A 1 39 ? -11.423 8.403   -8.541  1.00 40.88 ? 39  ASN A CG  1 
ATOM   296 O  OD1 . ASN A 1 39 ? -11.382 9.069   -7.507  1.00 44.07 ? 39  ASN A OD1 1 
ATOM   297 N  ND2 . ASN A 1 39 ? -12.500 7.720   -8.911  1.00 47.22 ? 39  ASN A ND2 1 
ATOM   298 N  N   . VAL A 1 40 ? -8.291  9.817   -6.938  1.00 37.55 ? 40  VAL A N   1 
ATOM   299 C  CA  . VAL A 1 40 ? -7.520  9.533   -5.738  1.00 45.69 ? 40  VAL A CA  1 
ATOM   300 C  C   . VAL A 1 40 ? -7.987  8.256   -5.042  1.00 49.91 ? 40  VAL A C   1 
ATOM   301 O  O   . VAL A 1 40 ? -7.168  7.439   -4.616  1.00 51.09 ? 40  VAL A O   1 
ATOM   302 C  CB  . VAL A 1 40 ? -7.610  10.706  -4.738  1.00 48.22 ? 40  VAL A CB  1 
ATOM   303 C  CG1 . VAL A 1 40 ? -6.750  10.418  -3.513  1.00 53.22 ? 40  VAL A CG1 1 
ATOM   304 C  CG2 . VAL A 1 40 ? -7.170  11.997  -5.409  1.00 50.36 ? 40  VAL A CG2 1 
ATOM   305 N  N   . ASN A 1 41 ? -9.303  8.085   -4.927  1.00 52.61 ? 41  ASN A N   1 
ATOM   306 C  CA  . ASN A 1 41 ? -9.857  6.904   -4.270  1.00 54.72 ? 41  ASN A CA  1 
ATOM   307 C  C   . ASN A 1 41 ? -9.653  5.653   -5.117  1.00 50.99 ? 41  ASN A C   1 
ATOM   308 O  O   . ASN A 1 41 ? -9.741  4.531   -4.617  1.00 51.01 ? 41  ASN A O   1 
ATOM   309 C  CB  . ASN A 1 41 ? -11.349 7.102   -3.981  1.00 60.25 ? 41  ASN A CB  1 
ATOM   310 C  CG  . ASN A 1 41 ? -11.935 5.982   -3.135  1.00 67.41 ? 41  ASN A CG  1 
ATOM   311 O  OD1 . ASN A 1 41 ? -11.995 4.830   -3.563  1.00 73.00 ? 41  ASN A OD1 1 
ATOM   312 N  ND2 . ASN A 1 41 ? -12.366 6.319   -1.926  1.00 68.84 ? 41  ASN A ND2 1 
ATOM   313 N  N   . GLU A 1 42 ? -9.382  5.848   -6.403  1.00 44.38 ? 42  GLU A N   1 
ATOM   314 C  CA  . GLU A 1 42 ? -9.152  4.718   -7.283  1.00 36.45 ? 42  GLU A CA  1 
ATOM   315 C  C   . GLU A 1 42 ? -7.677  4.343   -7.285  1.00 39.53 ? 42  GLU A C   1 
ATOM   316 O  O   . GLU A 1 42 ? -7.263  3.386   -7.943  1.00 38.81 ? 42  GLU A O   1 
ATOM   317 N  N   . LEU A 1 43 ? -6.878  5.113   -6.547  1.00 38.65 ? 43  LEU A N   1 
ATOM   318 C  CA  . LEU A 1 43 ? -5.439  4.874   -6.443  1.00 39.71 ? 43  LEU A CA  1 
ATOM   319 C  C   . LEU A 1 43 ? -5.173  4.171   -5.119  1.00 30.62 ? 43  LEU A C   1 
ATOM   320 O  O   . LEU A 1 43 ? -5.802  4.484   -4.102  1.00 29.84 ? 43  LEU A O   1 
ATOM   321 C  CB  . LEU A 1 43 ? -4.670  6.195   -6.491  1.00 46.87 ? 43  LEU A CB  1 
ATOM   322 C  CG  . LEU A 1 43 ? -4.902  7.040   -7.746  1.00 49.92 ? 43  LEU A CG  1 
ATOM   323 C  CD1 . LEU A 1 43 ? -4.031  8.280   -7.689  1.00 54.43 ? 43  LEU A CD1 1 
ATOM   324 C  CD2 . LEU A 1 43 ? -4.583  6.218   -8.991  1.00 50.55 ? 43  LEU A CD2 1 
ATOM   325 N  N   . PHE A 1 44 ? -4.221  3.245   -5.119  1.00 21.41 ? 44  PHE A N   1 
ATOM   326 C  CA  . PHE A 1 44 ? -3.939  2.482   -3.910  1.00 17.79 ? 44  PHE A CA  1 
ATOM   327 C  C   . PHE A 1 44 ? -2.460  2.270   -3.631  1.00 20.58 ? 44  PHE A C   1 
ATOM   328 O  O   . PHE A 1 44 ? -1.616  2.318   -4.536  1.00 21.85 ? 44  PHE A O   1 
ATOM   329 C  CB  . PHE A 1 44 ? -4.601  1.101   -4.000  1.00 23.97 ? 44  PHE A CB  1 
ATOM   330 C  CG  . PHE A 1 44 ? -6.085  1.140   -4.202  1.00 23.90 ? 44  PHE A CG  1 
ATOM   331 C  CD1 . PHE A 1 44 ? -6.934  1.514   -3.171  1.00 32.97 ? 44  PHE A CD1 1 
ATOM   332 C  CD2 . PHE A 1 44 ? -6.633  0.808   -5.433  1.00 35.10 ? 44  PHE A CD2 1 
ATOM   333 C  CE1 . PHE A 1 44 ? -8.316  1.529   -3.353  1.00 32.91 ? 44  PHE A CE1 1 
ATOM   334 C  CE2 . PHE A 1 44 ? -8.011  0.821   -5.627  1.00 32.11 ? 44  PHE A CE2 1 
ATOM   335 C  CZ  . PHE A 1 44 ? -8.852  1.192   -4.591  1.00 32.52 ? 44  PHE A CZ  1 
ATOM   336 N  N   . ALA A 1 45 ? -2.168  2.044   -2.361  1.00 20.20 ? 45  ALA A N   1 
ATOM   337 C  CA  . ALA A 1 45 ? -0.820  1.752   -1.914  1.00 15.79 ? 45  ALA A CA  1 
ATOM   338 C  C   . ALA A 1 45 ? -0.961  0.258   -1.687  1.00 19.18 ? 45  ALA A C   1 
ATOM   339 O  O   . ALA A 1 45 ? -2.076  -0.230  -1.509  1.00 15.23 ? 45  ALA A O   1 
ATOM   340 C  CB  . ALA A 1 45 ? -0.528  2.461   -0.600  1.00 23.50 ? 45  ALA A CB  1 
ATOM   341 N  N   . TYR A 1 46 ? 0.137   -0.482  -1.681  1.00 15.74 ? 46  TYR A N   1 
ATOM   342 C  CA  . TYR A 1 46 ? 0.006   -1.914  -1.469  1.00 16.85 ? 46  TYR A CA  1 
ATOM   343 C  C   . TYR A 1 46 ? 1.182   -2.546  -0.754  1.00 17.58 ? 46  TYR A C   1 
ATOM   344 O  O   . TYR A 1 46 ? 2.268   -1.967  -0.681  1.00 15.67 ? 46  TYR A O   1 
ATOM   345 C  CB  . TYR A 1 46 ? -0.193  -2.623  -2.819  1.00 20.73 ? 46  TYR A CB  1 
ATOM   346 C  CG  . TYR A 1 46 ? 1.027   -2.607  -3.715  1.00 16.78 ? 46  TYR A CG  1 
ATOM   347 C  CD1 . TYR A 1 46 ? 2.026   -3.574  -3.596  1.00 14.48 ? 46  TYR A CD1 1 
ATOM   348 C  CD2 . TYR A 1 46 ? 1.197   -1.603  -4.660  1.00 19.73 ? 46  TYR A CD2 1 
ATOM   349 C  CE1 . TYR A 1 46 ? 3.166   -3.532  -4.398  1.00 20.11 ? 46  TYR A CE1 1 
ATOM   350 C  CE2 . TYR A 1 46 ? 2.325   -1.555  -5.467  1.00 27.23 ? 46  TYR A CE2 1 
ATOM   351 C  CZ  . TYR A 1 46 ? 3.302   -2.518  -5.330  1.00 24.22 ? 46  TYR A CZ  1 
ATOM   352 O  OH  . TYR A 1 46 ? 4.416   -2.459  -6.120  1.00 20.63 ? 46  TYR A OH  1 
ATOM   353 N  N   . VAL A 1 47 ? 0.926   -3.723  -0.193  1.00 14.97 ? 47  VAL A N   1 
ATOM   354 C  CA  . VAL A 1 47 ? 1.949   -4.530  0.440   1.00 17.88 ? 47  VAL A CA  1 
ATOM   355 C  C   . VAL A 1 47 ? 1.867   -5.854  -0.311  1.00 17.01 ? 47  VAL A C   1 
ATOM   356 O  O   . VAL A 1 47 ? 0.780   -6.315  -0.658  1.00 16.90 ? 47  VAL A O   1 
ATOM   357 C  CB  . VAL A 1 47 ? 1.692   -4.741  1.944   1.00 14.64 ? 47  VAL A CB  1 
ATOM   358 C  CG1 . VAL A 1 47 ? 1.971   -3.456  2.683   1.00 18.36 ? 47  VAL A CG1 1 
ATOM   359 C  CG2 . VAL A 1 47 ? 0.243   -5.200  2.190   1.00 16.03 ? 47  VAL A CG2 1 
ATOM   360 N  N   . ASP A 1 48 ? 3.023   -6.444  -0.586  1.00 18.88 ? 48  ASP A N   1 
ATOM   361 C  CA  . ASP A 1 48 ? 3.080   -7.697  -1.326  1.00 17.65 ? 48  ASP A CA  1 
ATOM   362 C  C   . ASP A 1 48 ? 3.388   -8.838  -0.361  1.00 18.01 ? 48  ASP A C   1 
ATOM   363 O  O   . ASP A 1 48 ? 4.508   -8.957  0.136   1.00 19.07 ? 48  ASP A O   1 
ATOM   364 C  CB  . ASP A 1 48 ? 4.167   -7.599  -2.403  1.00 14.72 ? 48  ASP A CB  1 
ATOM   365 C  CG  . ASP A 1 48 ? 4.087   -8.720  -3.417  1.00 25.76 ? 48  ASP A CG  1 
ATOM   366 O  OD1 . ASP A 1 48 ? 3.300   -9.665  -3.198  1.00 26.04 ? 48  ASP A OD1 1 
ATOM   367 O  OD2 . ASP A 1 48 ? 4.811   -8.656  -4.431  1.00 27.66 ? 48  ASP A OD2 1 
ATOM   368 N  N   . LEU A 1 49 ? 2.391   -9.680  -0.106  1.00 17.80 ? 49  LEU A N   1 
ATOM   369 C  CA  . LEU A 1 49 ? 2.545   -10.806 0.816   1.00 13.54 ? 49  LEU A CA  1 
ATOM   370 C  C   . LEU A 1 49 ? 3.017   -12.078 0.133   1.00 18.21 ? 49  LEU A C   1 
ATOM   371 O  O   . LEU A 1 49 ? 2.966   -13.158 0.711   1.00 17.59 ? 49  LEU A O   1 
ATOM   372 C  CB  . LEU A 1 49 ? 1.215   -11.081 1.532   1.00 17.77 ? 49  LEU A CB  1 
ATOM   373 C  CG  . LEU A 1 49 ? 0.907   -10.207 2.757   1.00 21.64 ? 49  LEU A CG  1 
ATOM   374 C  CD1 . LEU A 1 49 ? 1.179   -8.765  2.443   1.00 19.78 ? 49  LEU A CD1 1 
ATOM   375 C  CD2 . LEU A 1 49 ? -0.558  -10.386 3.174   1.00 21.45 ? 49  LEU A CD2 1 
ATOM   376 N  N   . SER A 1 50 ? 3.474   -11.954 -1.103  1.00 23.32 ? 50  SER A N   1 
ATOM   377 C  CA  . SER A 1 50 ? 3.938   -13.120 -1.839  1.00 25.66 ? 50  SER A CA  1 
ATOM   378 C  C   . SER A 1 50 ? 4.865   -13.978 -0.993  1.00 25.22 ? 50  SER A C   1 
ATOM   379 O  O   . SER A 1 50 ? 5.810   -13.478 -0.391  1.00 27.18 ? 50  SER A O   1 
ATOM   380 C  CB  . SER A 1 50 ? 4.668   -12.694 -3.115  1.00 25.58 ? 50  SER A CB  1 
ATOM   381 O  OG  . SER A 1 50 ? 3.807   -12.013 -4.007  1.00 38.63 ? 50  SER A OG  1 
ATOM   382 N  N   . GLY A 1 51 ? 4.555   -15.268 -0.931  1.00 24.06 ? 51  GLY A N   1 
ATOM   383 C  CA  . GLY A 1 51 ? 5.363   -16.220 -0.188  1.00 29.78 ? 51  GLY A CA  1 
ATOM   384 C  C   . GLY A 1 51 ? 5.523   -16.043 1.308   1.00 32.59 ? 51  GLY A C   1 
ATOM   385 O  O   . GLY A 1 51 ? 6.513   -16.498 1.874   1.00 31.88 ? 51  GLY A O   1 
ATOM   386 N  N   . SER A 1 52 ? 4.564   -15.400 1.962   1.00 19.70 ? 52  SER A N   1 
ATOM   387 C  CA  . SER A 1 52 ? 4.658   -15.203 3.406   1.00 26.72 ? 52  SER A CA  1 
ATOM   388 C  C   . SER A 1 52 ? 4.106   -16.378 4.193   1.00 23.03 ? 52  SER A C   1 
ATOM   389 O  O   . SER A 1 52 ? 3.193   -17.067 3.739   1.00 27.36 ? 52  SER A O   1 
ATOM   390 C  CB  . SER A 1 52 ? 3.909   -13.935 3.827   1.00 21.56 ? 52  SER A CB  1 
ATOM   391 O  OG  . SER A 1 52 ? 4.625   -12.765 3.464   1.00 19.50 ? 52  SER A OG  1 
ATOM   392 N  N   . GLU A 1 53 ? 4.669   -16.604 5.374   1.00 26.62 ? 53  GLU A N   1 
ATOM   393 C  CA  . GLU A 1 53 ? 4.208   -17.667 6.260   1.00 25.26 ? 53  GLU A CA  1 
ATOM   394 C  C   . GLU A 1 53 ? 3.356   -17.011 7.349   1.00 23.20 ? 53  GLU A C   1 
ATOM   395 O  O   . GLU A 1 53 ? 3.386   -15.794 7.513   1.00 24.13 ? 53  GLU A O   1 
ATOM   396 C  CB  . GLU A 1 53 ? 5.397   -18.384 6.898   1.00 37.08 ? 53  GLU A CB  1 
ATOM   397 C  CG  . GLU A 1 53 ? 6.316   -17.468 7.688   1.00 48.59 ? 53  GLU A CG  1 
ATOM   398 C  CD  . GLU A 1 53 ? 7.462   -18.212 8.359   1.00 59.81 ? 53  GLU A CD  1 
ATOM   399 O  OE1 . GLU A 1 53 ? 7.197   -19.049 9.250   1.00 59.65 ? 53  GLU A OE1 1 
ATOM   400 O  OE2 . GLU A 1 53 ? 8.630   -17.957 7.994   1.00 62.88 ? 53  GLU A OE2 1 
ATOM   401 N  N   . PRO A 1 54 ? 2.568   -17.800 8.098   1.00 23.91 ? 54  PRO A N   1 
ATOM   402 C  CA  . PRO A 1 54 ? 1.741   -17.204 9.150   1.00 23.37 ? 54  PRO A CA  1 
ATOM   403 C  C   . PRO A 1 54 ? 2.636   -16.502 10.157  1.00 26.90 ? 54  PRO A C   1 
ATOM   404 O  O   . PRO A 1 54 ? 3.840   -16.733 10.186  1.00 22.58 ? 54  PRO A O   1 
ATOM   405 C  CB  . PRO A 1 54 ? 1.033   -18.414 9.765   1.00 17.96 ? 54  PRO A CB  1 
ATOM   406 C  CG  . PRO A 1 54 ? 1.010   -19.413 8.635   1.00 17.67 ? 54  PRO A CG  1 
ATOM   407 C  CD  . PRO A 1 54 ? 2.377   -19.257 8.046   1.00 22.98 ? 54  PRO A CD  1 
ATOM   408 N  N   . GLY A 1 55 ? 2.049   -15.640 10.975  1.00 16.53 ? 55  GLY A N   1 
ATOM   409 C  CA  . GLY A 1 55 ? 2.826   -14.940 11.980  1.00 18.07 ? 55  GLY A CA  1 
ATOM   410 C  C   . GLY A 1 55 ? 2.850   -13.450 11.719  1.00 22.25 ? 55  GLY A C   1 
ATOM   411 O  O   . GLY A 1 55 ? 2.092   -12.955 10.877  1.00 20.58 ? 55  GLY A O   1 
ATOM   412 N  N   . GLU A 1 56 ? 3.731   -12.733 12.413  1.00 16.53 ? 56  GLU A N   1 
ATOM   413 C  CA  . GLU A 1 56 ? 3.813   -11.286 12.255  1.00 18.02 ? 56  GLU A CA  1 
ATOM   414 C  C   . GLU A 1 56 ? 5.062   -10.932 11.471  1.00 23.81 ? 56  GLU A C   1 
ATOM   415 O  O   . GLU A 1 56 ? 6.157   -11.373 11.820  1.00 23.81 ? 56  GLU A O   1 
ATOM   416 C  CB  . GLU A 1 56 ? 3.841   -10.602 13.631  1.00 25.49 ? 56  GLU A CB  1 
ATOM   417 C  CG  . GLU A 1 56 ? 3.700   -9.080  13.567  1.00 21.01 ? 56  GLU A CG  1 
ATOM   418 C  CD  . GLU A 1 56 ? 3.506   -8.444  14.936  1.00 28.24 ? 56  GLU A CD  1 
ATOM   419 O  OE1 . GLU A 1 56 ? 4.487   -8.355  15.699  1.00 30.62 ? 56  GLU A OE1 1 
ATOM   420 O  OE2 . GLU A 1 56 ? 2.366   -8.039  15.253  1.00 43.04 ? 56  GLU A OE2 1 
ATOM   421 N  N   . HIS A 1 57 ? 4.892   -10.149 10.410  1.00 23.07 ? 57  HIS A N   1 
ATOM   422 C  CA  . HIS A 1 57 ? 6.006   -9.736  9.565   1.00 21.18 ? 57  HIS A CA  1 
ATOM   423 C  C   . HIS A 1 57 ? 5.855   -8.273  9.170   1.00 21.97 ? 57  HIS A C   1 
ATOM   424 O  O   . HIS A 1 57 ? 4.759   -7.700  9.246   1.00 13.57 ? 57  HIS A O   1 
ATOM   425 C  CB  . HIS A 1 57 ? 6.043   -10.566 8.281   1.00 25.81 ? 57  HIS A CB  1 
ATOM   426 C  CG  . HIS A 1 57 ? 5.828   -12.028 8.501   1.00 30.24 ? 57  HIS A CG  1 
ATOM   427 N  ND1 . HIS A 1 57 ? 6.703   -12.811 9.218   1.00 29.85 ? 57  HIS A ND1 1 
ATOM   428 C  CD2 . HIS A 1 57 ? 4.811   -12.840 8.126   1.00 33.41 ? 57  HIS A CD2 1 
ATOM   429 C  CE1 . HIS A 1 57 ? 6.236   -14.046 9.278   1.00 33.85 ? 57  HIS A CE1 1 
ATOM   430 N  NE2 . HIS A 1 57 ? 5.092   -14.090 8.624   1.00 35.40 ? 57  HIS A NE2 1 
ATOM   431 N  N   . ASP A 1 58 ? 6.958   -7.672  8.731   1.00 15.90 ? 58  ASP A N   1 
ATOM   432 C  CA  . ASP A 1 58 ? 6.943   -6.278  8.267   1.00 15.84 ? 58  ASP A CA  1 
ATOM   433 C  C   . ASP A 1 58 ? 6.950   -6.273  6.747   1.00 16.17 ? 58  ASP A C   1 
ATOM   434 O  O   . ASP A 1 58 ? 7.639   -7.093  6.126   1.00 20.65 ? 58  ASP A O   1 
ATOM   435 C  CB  . ASP A 1 58 ? 8.174   -5.524  8.763   1.00 22.84 ? 58  ASP A CB  1 
ATOM   436 C  CG  . ASP A 1 58 ? 8.334   -5.615  10.260  1.00 32.58 ? 58  ASP A CG  1 
ATOM   437 O  OD1 . ASP A 1 58 ? 7.329   -5.418  10.973  1.00 26.18 ? 58  ASP A OD1 1 
ATOM   438 O  OD2 . ASP A 1 58 ? 9.464   -5.878  10.717  1.00 35.51 ? 58  ASP A OD2 1 
ATOM   439 N  N   . TYR A 1 59 ? 6.201   -5.349  6.155   1.00 17.57 ? 59  TYR A N   1 
ATOM   440 C  CA  . TYR A 1 59 ? 6.133   -5.254  4.713   1.00 14.93 ? 59  TYR A CA  1 
ATOM   441 C  C   . TYR A 1 59 ? 6.358   -3.821  4.269   1.00 17.37 ? 59  TYR A C   1 
ATOM   442 O  O   . TYR A 1 59 ? 5.875   -2.881  4.897   1.00 19.70 ? 59  TYR A O   1 
ATOM   443 C  CB  . TYR A 1 59 ? 4.768   -5.753  4.222   1.00 18.77 ? 59  TYR A CB  1 
ATOM   444 C  CG  . TYR A 1 59 ? 4.494   -7.200  4.569   1.00 20.48 ? 59  TYR A CG  1 
ATOM   445 C  CD1 . TYR A 1 59 ? 4.983   -8.240  3.771   1.00 19.08 ? 59  TYR A CD1 1 
ATOM   446 C  CD2 . TYR A 1 59 ? 3.758   -7.537  5.705   1.00 17.08 ? 59  TYR A CD2 1 
ATOM   447 C  CE1 . TYR A 1 59 ? 4.740   -9.570  4.096   1.00 17.20 ? 59  TYR A CE1 1 
ATOM   448 C  CE2 . TYR A 1 59 ? 3.515   -8.874  6.039   1.00 18.96 ? 59  TYR A CE2 1 
ATOM   449 C  CZ  . TYR A 1 59 ? 4.007   -9.880  5.228   1.00 21.65 ? 59  TYR A CZ  1 
ATOM   450 O  OH  . TYR A 1 59 ? 3.756   -11.193 5.552   1.00 19.14 ? 59  TYR A OH  1 
ATOM   451 N  N   . GLU A 1 60 ? 7.105   -3.668  3.184   1.00 15.05 ? 60  GLU A N   1 
ATOM   452 C  CA  . GLU A 1 60 ? 7.389   -2.360  2.624   1.00 17.98 ? 60  GLU A CA  1 
ATOM   453 C  C   . GLU A 1 60 ? 6.163   -1.853  1.870   1.00 16.12 ? 60  GLU A C   1 
ATOM   454 O  O   . GLU A 1 60 ? 5.604   -2.559  1.034   1.00 20.58 ? 60  GLU A O   1 
ATOM   455 C  CB  . GLU A 1 60 ? 8.557   -2.453  1.650   1.00 17.63 ? 60  GLU A CB  1 
ATOM   456 C  CG  . GLU A 1 60 ? 8.970   -1.132  1.057   1.00 32.16 ? 60  GLU A CG  1 
ATOM   457 C  CD  . GLU A 1 60 ? 9.853   -1.309  -0.172  1.00 39.08 ? 60  GLU A CD  1 
ATOM   458 O  OE1 . GLU A 1 60 ? 10.740  -2.188  -0.147  1.00 42.57 ? 60  GLU A OE1 1 
ATOM   459 O  OE2 . GLU A 1 60 ? 9.658   -0.568  -1.161  1.00 53.44 ? 60  GLU A OE2 1 
ATOM   460 N  N   . VAL A 1 61 ? 5.763   -0.622  2.156   1.00 15.01 ? 61  VAL A N   1 
ATOM   461 C  CA  . VAL A 1 61 ? 4.608   -0.036  1.494   1.00 15.66 ? 61  VAL A CA  1 
ATOM   462 C  C   . VAL A 1 61 ? 5.052   0.499   0.141   1.00 17.02 ? 61  VAL A C   1 
ATOM   463 O  O   . VAL A 1 61 ? 6.066   1.191   0.036   1.00 18.49 ? 61  VAL A O   1 
ATOM   464 C  CB  . VAL A 1 61 ? 4.008   1.124   2.328   1.00 19.41 ? 61  VAL A CB  1 
ATOM   465 C  CG1 . VAL A 1 61 ? 2.760   1.686   1.623   1.00 17.11 ? 61  VAL A CG1 1 
ATOM   466 C  CG2 . VAL A 1 61 ? 3.671   0.643   3.715   1.00 16.22 ? 61  VAL A CG2 1 
ATOM   467 N  N   . LYS A 1 62 ? 4.300   0.158   -0.897  1.00 16.13 ? 62  LYS A N   1 
ATOM   468 C  CA  . LYS A 1 62 ? 4.604   0.618   -2.241  1.00 18.90 ? 62  LYS A CA  1 
ATOM   469 C  C   . LYS A 1 62 ? 3.370   1.302   -2.814  1.00 17.51 ? 62  LYS A C   1 
ATOM   470 O  O   . LYS A 1 62 ? 2.280   1.160   -2.273  1.00 18.44 ? 62  LYS A O   1 
ATOM   471 C  CB  . LYS A 1 62 ? 4.991   -0.580  -3.106  1.00 18.93 ? 62  LYS A CB  1 
ATOM   472 C  CG  . LYS A 1 62 ? 6.164   -1.379  -2.537  1.00 31.58 ? 62  LYS A CG  1 
ATOM   473 C  CD  . LYS A 1 62 ? 6.219   -2.775  -3.134  1.00 34.84 ? 62  LYS A CD  1 
ATOM   474 C  CE  . LYS A 1 62 ? 7.310   -3.612  -2.483  1.00 45.64 ? 62  LYS A CE  1 
ATOM   475 N  NZ  . LYS A 1 62 ? 7.184   -5.062  -2.814  1.00 30.04 ? 62  LYS A NZ  1 
ATOM   476 N  N   . VAL A 1 63 ? 3.530   2.027   -3.914  1.00 14.85 ? 63  VAL A N   1 
ATOM   477 C  CA  . VAL A 1 63 ? 2.403   2.713   -4.528  1.00 18.13 ? 63  VAL A CA  1 
ATOM   478 C  C   . VAL A 1 63 ? 2.186   2.280   -5.967  1.00 22.12 ? 63  VAL A C   1 
ATOM   479 O  O   . VAL A 1 63 ? 3.133   2.156   -6.738  1.00 19.81 ? 63  VAL A O   1 
ATOM   480 C  CB  . VAL A 1 63 ? 2.589   4.245   -4.481  1.00 21.28 ? 63  VAL A CB  1 
ATOM   481 C  CG1 . VAL A 1 63 ? 1.445   4.933   -5.191  1.00 22.23 ? 63  VAL A CG1 1 
ATOM   482 C  CG2 . VAL A 1 63 ? 2.666   4.706   -3.039  1.00 19.13 ? 63  VAL A CG2 1 
ATOM   483 N  N   . GLU A 1 64 ? 0.932   2.048   -6.333  1.00 22.80 ? 64  GLU A N   1 
ATOM   484 C  CA  . GLU A 1 64 ? 0.645   1.644   -7.704  1.00 23.75 ? 64  GLU A CA  1 
ATOM   485 C  C   . GLU A 1 64 ? 1.047   2.816   -8.597  1.00 24.09 ? 64  GLU A C   1 
ATOM   486 O  O   . GLU A 1 64 ? 0.873   3.972   -8.219  1.00 18.68 ? 64  GLU A O   1 
ATOM   487 C  CB  . GLU A 1 64 ? -0.844  1.337   -7.877  1.00 32.78 ? 64  GLU A CB  1 
ATOM   488 C  CG  . GLU A 1 64 ? -1.393  0.390   -6.826  1.00 29.60 ? 64  GLU A CG  1 
ATOM   489 C  CD  . GLU A 1 64 ? -2.839  0.005   -7.086  1.00 34.17 ? 64  GLU A CD  1 
ATOM   490 O  OE1 . GLU A 1 64 ? -3.644  0.910   -7.395  1.00 46.62 ? 64  GLU A OE1 1 
ATOM   491 O  OE2 . GLU A 1 64 ? -3.173  -1.196  -6.972  1.00 45.75 ? 64  GLU A OE2 1 
ATOM   492 N  N   . PRO A 1 65 ? 1.620   2.531   -9.779  1.00 32.67 ? 65  PRO A N   1 
ATOM   493 C  CA  . PRO A 1 65 ? 2.045   3.580   -10.715 1.00 30.78 ? 65  PRO A CA  1 
ATOM   494 C  C   . PRO A 1 65 ? 0.929   4.587   -11.025 1.00 29.07 ? 65  PRO A C   1 
ATOM   495 O  O   . PRO A 1 65 ? -0.214  4.202   -11.255 1.00 28.33 ? 65  PRO A O   1 
ATOM   496 C  CB  . PRO A 1 65 ? 2.459   2.786   -11.951 1.00 39.49 ? 65  PRO A CB  1 
ATOM   497 C  CG  . PRO A 1 65 ? 3.017   1.528   -11.359 1.00 41.90 ? 65  PRO A CG  1 
ATOM   498 C  CD  . PRO A 1 65 ? 2.001   1.196   -10.278 1.00 33.81 ? 65  PRO A CD  1 
ATOM   499 N  N   . ILE A 1 66 ? 1.270   5.871   -11.010 1.00 27.06 ? 66  ILE A N   1 
ATOM   500 C  CA  . ILE A 1 66 ? 0.312   6.935   -11.313 1.00 30.61 ? 66  ILE A CA  1 
ATOM   501 C  C   . ILE A 1 66 ? 0.866   7.756   -12.469 1.00 24.50 ? 66  ILE A C   1 
ATOM   502 O  O   . ILE A 1 66 ? 1.955   8.307   -12.369 1.00 23.14 ? 66  ILE A O   1 
ATOM   503 C  CB  . ILE A 1 66 ? 0.124   7.891   -10.121 1.00 29.88 ? 66  ILE A CB  1 
ATOM   504 C  CG1 . ILE A 1 66 ? -0.357  7.117   -8.897  1.00 27.83 ? 66  ILE A CG1 1 
ATOM   505 C  CG2 . ILE A 1 66 ? -0.877  8.975   -10.480 1.00 26.90 ? 66  ILE A CG2 1 
ATOM   506 C  CD1 . ILE A 1 66 ? -0.399  7.963   -7.635  1.00 27.74 ? 66  ILE A CD1 1 
ATOM   507 N  N   . PRO A 1 67 ? 0.119   7.855   -13.578 1.00 25.63 ? 67  PRO A N   1 
ATOM   508 C  CA  . PRO A 1 67 ? 0.597   8.630   -14.727 1.00 27.57 ? 67  PRO A CA  1 
ATOM   509 C  C   . PRO A 1 67 ? 1.015   10.066  -14.399 1.00 26.19 ? 67  PRO A C   1 
ATOM   510 O  O   . PRO A 1 67 ? 0.332   10.784  -13.670 1.00 23.41 ? 67  PRO A O   1 
ATOM   511 C  CB  . PRO A 1 67 ? -0.588  8.580   -15.689 1.00 26.26 ? 67  PRO A CB  1 
ATOM   512 C  CG  . PRO A 1 67 ? -1.201  7.244   -15.384 1.00 30.49 ? 67  PRO A CG  1 
ATOM   513 C  CD  . PRO A 1 67 ? -1.172  7.215   -13.876 1.00 25.28 ? 67  PRO A CD  1 
ATOM   514 N  N   . ASN A 1 68 ? 2.157   10.468  -14.943 1.00 20.96 ? 68  ASN A N   1 
ATOM   515 C  CA  . ASN A 1 68 ? 2.692   11.811  -14.771 1.00 21.58 ? 68  ASN A CA  1 
ATOM   516 C  C   . ASN A 1 68 ? 2.953   12.193  -13.322 1.00 19.52 ? 68  ASN A C   1 
ATOM   517 O  O   . ASN A 1 68 ? 3.023   13.374  -12.999 1.00 23.55 ? 68  ASN A O   1 
ATOM   518 C  CB  . ASN A 1 68 ? 1.741   12.836  -15.397 1.00 22.67 ? 68  ASN A CB  1 
ATOM   519 C  CG  . ASN A 1 68 ? 1.289   12.434  -16.781 1.00 24.91 ? 68  ASN A CG  1 
ATOM   520 O  OD1 . ASN A 1 68 ? 0.224   11.838  -16.947 1.00 25.80 ? 68  ASN A OD1 1 
ATOM   521 N  ND2 . ASN A 1 68 ? 2.109   12.736  -17.785 1.00 25.86 ? 68  ASN A ND2 1 
ATOM   522 N  N   . ILE A 1 69 ? 3.103   11.201  -12.456 1.00 27.52 ? 69  ILE A N   1 
ATOM   523 C  CA  . ILE A 1 69 ? 3.359   11.457  -11.048 1.00 24.96 ? 69  ILE A CA  1 
ATOM   524 C  C   . ILE A 1 69 ? 4.505   10.604  -10.526 1.00 18.56 ? 69  ILE A C   1 
ATOM   525 O  O   . ILE A 1 69 ? 4.565   9.404   -10.775 1.00 25.18 ? 69  ILE A O   1 
ATOM   526 C  CB  . ILE A 1 69 ? 2.115   11.156  -10.197 1.00 25.85 ? 69  ILE A CB  1 
ATOM   527 C  CG1 . ILE A 1 69 ? 1.010   12.164  -10.510 1.00 22.70 ? 69  ILE A CG1 1 
ATOM   528 C  CG2 . ILE A 1 69 ? 2.483   11.176  -8.733  1.00 22.81 ? 69  ILE A CG2 1 
ATOM   529 C  CD1 . ILE A 1 69 ? 1.339   13.576  -10.087 1.00 29.39 ? 69  ILE A CD1 1 
ATOM   530 N  N   . LYS A 1 70 ? 5.407   11.240  -9.793  1.00 24.97 ? 70  LYS A N   1 
ATOM   531 C  CA  . LYS A 1 70 ? 6.534   10.542  -9.198  1.00 25.82 ? 70  LYS A CA  1 
ATOM   532 C  C   . LYS A 1 70 ? 6.364   10.587  -7.686  1.00 15.98 ? 70  LYS A C   1 
ATOM   533 O  O   . LYS A 1 70 ? 6.164   11.664  -7.116  1.00 20.57 ? 70  LYS A O   1 
ATOM   534 C  CB  . LYS A 1 70 ? 7.840   11.212  -9.611  1.00 22.46 ? 70  LYS A CB  1 
ATOM   535 C  CG  . LYS A 1 70 ? 8.065   11.193  -11.108 1.00 35.72 ? 70  LYS A CG  1 
ATOM   536 C  CD  . LYS A 1 70 ? 9.377   11.860  -11.510 1.00 48.29 ? 70  LYS A CD  1 
ATOM   537 C  CE  . LYS A 1 70 ? 9.499   11.927  -13.031 1.00 48.96 ? 70  LYS A CE  1 
ATOM   538 N  NZ  . LYS A 1 70 ? 9.313   10.581  -13.639 1.00 53.53 ? 70  LYS A NZ  1 
ATOM   539 N  N   . ILE A 1 71 ? 6.435   9.419   -7.053  1.00 18.72 ? 71  ILE A N   1 
ATOM   540 C  CA  . ILE A 1 71 ? 6.276   9.307   -5.605  1.00 16.66 ? 71  ILE A CA  1 
ATOM   541 C  C   . ILE A 1 71 ? 7.602   9.665   -4.940  1.00 19.62 ? 71  ILE A C   1 
ATOM   542 O  O   . ILE A 1 71 ? 8.638   9.061   -5.222  1.00 18.27 ? 71  ILE A O   1 
ATOM   543 C  CB  . ILE A 1 71 ? 5.899   7.877   -5.203  1.00 21.86 ? 71  ILE A CB  1 
ATOM   544 C  CG1 . ILE A 1 71 ? 4.665   7.423   -5.987  1.00 15.56 ? 71  ILE A CG1 1 
ATOM   545 C  CG2 . ILE A 1 71 ? 5.696   7.801   -3.692  1.00 15.38 ? 71  ILE A CG2 1 
ATOM   546 C  CD1 . ILE A 1 71 ? 3.466   8.319   -5.859  1.00 22.26 ? 71  ILE A CD1 1 
ATOM   547 N  N   . VAL A 1 72 ? 7.580   10.660  -4.064  1.00 17.83 ? 72  VAL A N   1 
ATOM   548 C  CA  . VAL A 1 72 ? 8.811   11.068  -3.396  1.00 25.48 ? 72  VAL A CA  1 
ATOM   549 C  C   . VAL A 1 72 ? 8.868   10.699  -1.915  1.00 25.99 ? 72  VAL A C   1 
ATOM   550 O  O   . VAL A 1 72 ? 9.938   10.677  -1.312  1.00 23.64 ? 72  VAL A O   1 
ATOM   551 C  CB  . VAL A 1 72 ? 9.032   12.589  -3.537  1.00 22.64 ? 72  VAL A CB  1 
ATOM   552 C  CG1 . VAL A 1 72 ? 9.117   12.963  -5.003  1.00 29.46 ? 72  VAL A CG1 1 
ATOM   553 C  CG2 . VAL A 1 72 ? 7.911   13.341  -2.868  1.00 24.75 ? 72  VAL A CG2 1 
ATOM   554 N  N   . GLU A 1 73 ? 7.719   10.417  -1.315  1.00 18.69 ? 73  GLU A N   1 
ATOM   555 C  CA  . GLU A 1 73 ? 7.698   10.061  0.098   1.00 15.98 ? 73  GLU A CA  1 
ATOM   556 C  C   . GLU A 1 73 ? 6.455   9.247   0.426   1.00 18.20 ? 73  GLU A C   1 
ATOM   557 O  O   . GLU A 1 73 ? 5.370   9.556   -0.047  1.00 15.39 ? 73  GLU A O   1 
ATOM   558 C  CB  . GLU A 1 73 ? 7.714   11.335  0.939   1.00 25.67 ? 73  GLU A CB  1 
ATOM   559 C  CG  . GLU A 1 73 ? 7.753   11.137  2.427   1.00 37.88 ? 73  GLU A CG  1 
ATOM   560 C  CD  . GLU A 1 73 ? 7.891   12.458  3.162   1.00 46.30 ? 73  GLU A CD  1 
ATOM   561 O  OE1 . GLU A 1 73 ? 8.963   13.095  3.060   1.00 34.60 ? 73  GLU A OE1 1 
ATOM   562 O  OE2 . GLU A 1 73 ? 6.922   12.865  3.831   1.00 53.30 ? 73  GLU A OE2 1 
ATOM   563 N  N   . ILE A 1 74 ? 6.624   8.207   1.237   1.00 14.33 ? 74  ILE A N   1 
ATOM   564 C  CA  . ILE A 1 74 ? 5.512   7.348   1.624   1.00 17.69 ? 74  ILE A CA  1 
ATOM   565 C  C   . ILE A 1 74 ? 5.510   7.095   3.128   1.00 15.26 ? 74  ILE A C   1 
ATOM   566 O  O   . ILE A 1 74 ? 6.501   6.630   3.690   1.00 17.82 ? 74  ILE A O   1 
ATOM   567 C  CB  . ILE A 1 74 ? 5.556   5.999   0.885   1.00 14.87 ? 74  ILE A CB  1 
ATOM   568 C  CG1 . ILE A 1 74 ? 5.688   6.220   -0.622  1.00 24.27 ? 74  ILE A CG1 1 
ATOM   569 C  CG2 . ILE A 1 74 ? 4.315   5.177   1.201   1.00 22.20 ? 74  ILE A CG2 1 
ATOM   570 C  CD1 . ILE A 1 74 ? 6.165   5.000   -1.379  1.00 32.15 ? 74  ILE A CD1 1 
ATOM   571 N  N   . SER A 1 75 ? 4.389   7.403   3.773   1.00 16.01 ? 75  SER A N   1 
ATOM   572 C  CA  . SER A 1 75 ? 4.256   7.208   5.212   1.00 12.03 ? 75  SER A CA  1 
ATOM   573 C  C   . SER A 1 75 ? 2.926   6.547   5.558   1.00 18.03 ? 75  SER A C   1 
ATOM   574 O  O   . SER A 1 75 ? 1.862   7.029   5.170   1.00 17.50 ? 75  SER A O   1 
ATOM   575 C  CB  . SER A 1 75 ? 4.384   8.544   5.948   1.00 16.35 ? 75  SER A CB  1 
ATOM   576 O  OG  . SER A 1 75 ? 4.287   8.365   7.350   1.00 21.66 ? 75  SER A OG  1 
ATOM   577 N  N   . PRO A 1 76 ? 2.995   5.439   6.290   1.00 14.74 ? 76  PRO A N   1 
ATOM   578 C  CA  . PRO A 1 76 ? 4.279   4.890   6.738   1.00 20.58 ? 76  PRO A CA  1 
ATOM   579 C  C   . PRO A 1 76 ? 4.985   4.123   5.625   1.00 24.67 ? 76  PRO A C   1 
ATOM   580 O  O   . PRO A 1 76 ? 4.344   3.704   4.662   1.00 45.40 ? 76  PRO A O   1 
ATOM   581 C  CB  . PRO A 1 76 ? 3.872   3.932   7.859   1.00 18.47 ? 76  PRO A CB  1 
ATOM   582 C  CG  . PRO A 1 76 ? 2.492   3.509   7.502   1.00 20.80 ? 76  PRO A CG  1 
ATOM   583 C  CD  . PRO A 1 76 ? 1.850   4.706   6.856   1.00 15.75 ? 76  PRO A CD  1 
ATOM   584 N  N   . ARG A 1 77 ? 6.296   3.946   5.762   1.00 30.92 ? 77  ARG A N   1 
ATOM   585 C  CA  . ARG A 1 77 ? 7.080   3.229   4.764   1.00 23.12 ? 77  ARG A CA  1 
ATOM   586 C  C   . ARG A 1 77 ? 6.976   1.720   4.962   1.00 17.58 ? 77  ARG A C   1 
ATOM   587 O  O   . ARG A 1 77 ? 6.994   0.956   3.996   1.00 20.34 ? 77  ARG A O   1 
ATOM   588 C  CB  . ARG A 1 77 ? 8.546   3.667   4.817   1.00 28.10 ? 77  ARG A CB  1 
ATOM   589 C  CG  . ARG A 1 77 ? 8.760   5.150   4.563   1.00 34.31 ? 77  ARG A CG  1 
ATOM   590 C  CD  . ARG A 1 77 ? 9.915   5.691   5.391   1.00 40.14 ? 77  ARG A CD  1 
ATOM   591 N  NE  . ARG A 1 77 ? 10.171  7.102   5.114   1.00 45.99 ? 77  ARG A NE  1 
ATOM   592 C  CZ  . ARG A 1 77 ? 9.372   8.094   5.493   1.00 53.98 ? 77  ARG A CZ  1 
ATOM   593 N  NH1 . ARG A 1 77 ? 8.259   7.833   6.165   1.00 54.65 ? 77  ARG A NH1 1 
ATOM   594 N  NH2 . ARG A 1 77 ? 9.684   9.348   5.198   1.00 57.95 ? 77  ARG A NH2 1 
ATOM   595 N  N   . VAL A 1 78 ? 6.869   1.299   6.217   1.00 16.52 ? 78  VAL A N   1 
ATOM   596 C  CA  . VAL A 1 78 ? 6.761   -0.117  6.543   1.00 15.40 ? 78  VAL A CA  1 
ATOM   597 C  C   . VAL A 1 78 ? 5.566   -0.382  7.455   1.00 15.07 ? 78  VAL A C   1 
ATOM   598 O  O   . VAL A 1 78 ? 5.253   0.422   8.333   1.00 16.78 ? 78  VAL A O   1 
ATOM   599 C  CB  . VAL A 1 78 ? 8.040   -0.639  7.224   1.00 16.95 ? 78  VAL A CB  1 
ATOM   600 C  CG1 . VAL A 1 78 ? 7.881   -2.105  7.598   1.00 23.37 ? 78  VAL A CG1 1 
ATOM   601 C  CG2 . VAL A 1 78 ? 9.242   -0.441  6.315   1.00 17.40 ? 78  VAL A CG2 1 
ATOM   602 N  N   . VAL A 1 79 ? 4.904   -1.515  7.240   1.00 13.93 ? 79  VAL A N   1 
ATOM   603 C  CA  . VAL A 1 79 ? 3.743   -1.885  8.040   1.00 17.01 ? 79  VAL A CA  1 
ATOM   604 C  C   . VAL A 1 79 ? 3.870   -3.307  8.574   1.00 19.35 ? 79  VAL A C   1 
ATOM   605 O  O   . VAL A 1 79 ? 4.261   -4.221  7.848   1.00 18.07 ? 79  VAL A O   1 
ATOM   606 C  CB  . VAL A 1 79 ? 2.438   -1.767  7.230   1.00 17.08 ? 79  VAL A CB  1 
ATOM   607 C  CG1 . VAL A 1 79 ? 2.192   -0.320  6.830   1.00 20.52 ? 79  VAL A CG1 1 
ATOM   608 C  CG2 . VAL A 1 79 ? 2.493   -2.664  6.003   1.00 19.37 ? 79  VAL A CG2 1 
ATOM   609 N  N   . THR A 1 80 ? 3.538   -3.487  9.849   1.00 19.07 ? 80  THR A N   1 
ATOM   610 C  CA  . THR A 1 80 ? 3.612   -4.796  10.482  1.00 19.43 ? 80  THR A CA  1 
ATOM   611 C  C   . THR A 1 80 ? 2.224   -5.439  10.405  1.00 17.67 ? 80  THR A C   1 
ATOM   612 O  O   . THR A 1 80 ? 1.230   -4.853  10.814  1.00 20.66 ? 80  THR A O   1 
ATOM   613 C  CB  . THR A 1 80 ? 4.026   -4.658  11.958  1.00 20.02 ? 80  THR A CB  1 
ATOM   614 O  OG1 . THR A 1 80 ? 5.301   -4.001  12.042  1.00 21.88 ? 80  THR A OG1 1 
ATOM   615 C  CG2 . THR A 1 80 ? 4.107   -6.025  12.614  1.00 23.19 ? 80  THR A CG2 1 
ATOM   616 N  N   . LEU A 1 81 ? 2.164   -6.658  9.882   1.00 16.19 ? 81  LEU A N   1 
ATOM   617 C  CA  . LEU A 1 81 ? 0.894   -7.361  9.737   1.00 18.72 ? 81  LEU A CA  1 
ATOM   618 C  C   . LEU A 1 81 ? 0.994   -8.797  10.249  1.00 17.84 ? 81  LEU A C   1 
ATOM   619 O  O   . LEU A 1 81 ? 2.069   -9.398  10.251  1.00 22.13 ? 81  LEU A O   1 
ATOM   620 C  CB  . LEU A 1 81 ? 0.487   -7.407  8.264   1.00 17.98 ? 81  LEU A CB  1 
ATOM   621 C  CG  . LEU A 1 81 ? 0.345   -6.076  7.527   1.00 26.15 ? 81  LEU A CG  1 
ATOM   622 C  CD1 . LEU A 1 81 ? 0.037   -6.353  6.050   1.00 27.56 ? 81  LEU A CD1 1 
ATOM   623 C  CD2 . LEU A 1 81 ? -0.748  -5.250  8.161   1.00 25.02 ? 81  LEU A CD2 1 
ATOM   624 N  N   . GLN A 1 82 ? -0.137  -9.342  10.677  1.00 17.05 ? 82  GLN A N   1 
ATOM   625 C  CA  . GLN A 1 82 ? -0.166  -10.720 11.149  1.00 15.69 ? 82  GLN A CA  1 
ATOM   626 C  C   . GLN A 1 82 ? -0.975  -11.563 10.177  1.00 19.78 ? 82  GLN A C   1 
ATOM   627 O  O   . GLN A 1 82 ? -2.062  -11.151 9.739   1.00 21.71 ? 82  GLN A O   1 
ATOM   628 C  CB  . GLN A 1 82 ? -0.781  -10.804 12.542  1.00 14.74 ? 82  GLN A CB  1 
ATOM   629 C  CG  . GLN A 1 82 ? -0.086  -9.953  13.578  1.00 28.68 ? 82  GLN A CG  1 
ATOM   630 C  CD  . GLN A 1 82 ? -0.611  -10.210 14.970  1.00 33.26 ? 82  GLN A CD  1 
ATOM   631 O  OE1 . GLN A 1 82 ? -1.779  -10.569 15.154  1.00 37.70 ? 82  GLN A OE1 1 
ATOM   632 N  NE2 . GLN A 1 82 ? 0.243   -10.010 15.964  1.00 33.46 ? 82  GLN A NE2 1 
ATOM   633 N  N   . LEU A 1 83 ? -0.438  -12.732 9.834   1.00 15.09 ? 83  LEU A N   1 
ATOM   634 C  CA  . LEU A 1 83 ? -1.102  -13.652 8.914   1.00 18.95 ? 83  LEU A CA  1 
ATOM   635 C  C   . LEU A 1 83 ? -1.414  -14.935 9.666   1.00 22.89 ? 83  LEU A C   1 
ATOM   636 O  O   . LEU A 1 83 ? -0.603  -15.408 10.456  1.00 21.75 ? 83  LEU A O   1 
ATOM   637 C  CB  . LEU A 1 83 ? -0.197  -13.999 7.728   1.00 20.89 ? 83  LEU A CB  1 
ATOM   638 C  CG  . LEU A 1 83 ? -0.209  -13.176 6.443   1.00 35.78 ? 83  LEU A CG  1 
ATOM   639 C  CD1 . LEU A 1 83 ? 0.960   -13.610 5.569   1.00 28.30 ? 83  LEU A CD1 1 
ATOM   640 C  CD2 . LEU A 1 83 ? -1.524  -13.353 5.719   1.00 30.04 ? 83  LEU A CD2 1 
ATOM   641 N  N   . GLU A 1 84 ? -2.598  -15.486 9.429   1.00 17.95 ? 84  GLU A N   1 
ATOM   642 C  CA  . GLU A 1 84 ? -3.007  -16.733 10.063  1.00 18.08 ? 84  GLU A CA  1 
ATOM   643 C  C   . GLU A 1 84 ? -3.516  -17.720 9.022   1.00 20.63 ? 84  GLU A C   1 
ATOM   644 O  O   . GLU A 1 84 ? -4.289  -17.343 8.146   1.00 23.33 ? 84  GLU A O   1 
ATOM   645 C  CB  . GLU A 1 84 ? -4.132  -16.480 11.045  1.00 23.86 ? 84  GLU A CB  1 
ATOM   646 C  CG  . GLU A 1 84 ? -3.701  -16.169 12.441  1.00 51.41 ? 84  GLU A CG  1 
ATOM   647 C  CD  . GLU A 1 84 ? -4.886  -15.796 13.314  1.00 62.46 ? 84  GLU A CD  1 
ATOM   648 O  OE1 . GLU A 1 84 ? -5.868  -16.573 13.360  1.00 67.04 ? 84  GLU A OE1 1 
ATOM   649 O  OE2 . GLU A 1 84 ? -4.836  -14.722 13.950  1.00 68.65 ? 84  GLU A OE2 1 
ATOM   650 N  N   . HIS A 1 85 ? -3.075  -18.975 9.113   1.00 20.22 ? 85  HIS A N   1 
ATOM   651 C  CA  . HIS A 1 85 ? -3.525  -20.009 8.190   1.00 17.77 ? 85  HIS A CA  1 
ATOM   652 C  C   . HIS A 1 85 ? -4.978  -20.302 8.513   1.00 20.65 ? 85  HIS A C   1 
ATOM   653 O  O   . HIS A 1 85 ? -5.376  -20.248 9.671   1.00 18.00 ? 85  HIS A O   1 
ATOM   654 C  CB  . HIS A 1 85 ? -2.726  -21.309 8.373   1.00 29.63 ? 85  HIS A CB  1 
ATOM   655 C  CG  . HIS A 1 85 ? -1.479  -21.386 7.548   1.00 45.03 ? 85  HIS A CG  1 
ATOM   656 N  ND1 . HIS A 1 85 ? -1.295  -20.644 6.400   1.00 51.43 ? 85  HIS A ND1 1 
ATOM   657 C  CD2 . HIS A 1 85 ? -0.375  -22.159 7.678   1.00 46.56 ? 85  HIS A CD2 1 
ATOM   658 C  CE1 . HIS A 1 85 ? -0.131  -20.958 5.859   1.00 54.03 ? 85  HIS A CE1 1 
ATOM   659 N  NE2 . HIS A 1 85 ? 0.448   -21.876 6.614   1.00 51.02 ? 85  HIS A NE2 1 
ATOM   660 N  N   . HIS A 1 86 ? -5.769  -20.612 7.491   1.00 29.62 ? 86  HIS A N   1 
ATOM   661 C  CA  . HIS A 1 86 ? -7.172  -20.946 7.698   1.00 24.58 ? 86  HIS A CA  1 
ATOM   662 C  C   . HIS A 1 86 ? -7.235  -22.262 8.468   1.00 31.58 ? 86  HIS A C   1 
ATOM   663 O  O   . HIS A 1 86 ? -6.361  -23.113 8.221   1.00 30.84 ? 86  HIS A O   1 
ATOM   664 C  CB  . HIS A 1 86 ? -7.883  -21.109 6.348   1.00 24.94 ? 86  HIS A CB  1 
ATOM   665 C  CG  . HIS A 1 86 ? -8.212  -19.812 5.674   1.00 28.78 ? 86  HIS A CG  1 
ATOM   666 N  ND1 . HIS A 1 86 ? -8.786  -19.747 4.419   1.00 21.37 ? 86  HIS A ND1 1 
ATOM   667 C  CD2 . HIS A 1 86 ? -8.072  -18.531 6.084   1.00 23.71 ? 86  HIS A CD2 1 
ATOM   668 C  CE1 . HIS A 1 86 ? -8.983  -18.484 4.091   1.00 23.80 ? 86  HIS A CE1 1 
ATOM   669 N  NE2 . HIS A 1 86 ? -8.558  -17.724 5.085   1.00 23.12 ? 86  HIS A NE2 1 
HETATM 670 O  O   . HOH B 2 .  ? 6.369   2.815   -4.780  1.00 24.85 ? 91  HOH A O   1 
HETATM 671 O  O   . HOH B 2 .  ? 9.447   7.317   1.568   1.00 24.42 ? 92  HOH A O   1 
HETATM 672 O  O   . HOH B 2 .  ? -7.391  -11.675 4.528   1.00 19.73 ? 93  HOH A O   1 
HETATM 673 O  O   . HOH B 2 .  ? 9.411   -9.174  8.591   1.00 34.76 ? 94  HOH A O   1 
HETATM 674 O  O   . HOH B 2 .  ? -1.983  16.580  -9.767  1.00 22.53 ? 95  HOH A O   1 
HETATM 675 O  O   . HOH B 2 .  ? -6.052  1.612   4.163   1.00 26.34 ? 96  HOH A O   1 
HETATM 676 O  O   . HOH B 2 .  ? 7.596   7.281   -8.733  1.00 22.10 ? 97  HOH A O   1 
HETATM 677 O  O   . HOH B 2 .  ? -5.709  -4.339  13.698  1.00 21.42 ? 98  HOH A O   1 
HETATM 678 O  O   . HOH B 2 .  ? 8.196   -6.165  1.723   1.00 22.90 ? 99  HOH A O   1 
HETATM 679 O  O   . HOH B 2 .  ? -5.918  -10.513 2.006   1.00 20.68 ? 100 HOH A O   1 
HETATM 680 O  O   . HOH B 2 .  ? -7.076  4.914   -1.816  1.00 27.02 ? 101 HOH A O   1 
HETATM 681 O  O   . HOH B 2 .  ? 0.255   8.108   7.177   1.00 19.43 ? 102 HOH A O   1 
HETATM 682 O  O   . HOH B 2 .  ? 3.700   15.826  -14.231 1.00 26.20 ? 103 HOH A O   1 
HETATM 683 O  O   . HOH B 2 .  ? -5.605  -2.546  -6.284  1.00 34.45 ? 104 HOH A O   1 
HETATM 684 O  O   . HOH B 2 .  ? -4.354  -10.565 -1.959  1.00 19.05 ? 105 HOH A O   1 
HETATM 685 O  O   . HOH B 2 .  ? 3.848   1.098   10.414  1.00 25.73 ? 106 HOH A O   1 
HETATM 686 O  O   . HOH B 2 .  ? 11.252  -7.683  10.247  1.00 55.58 ? 107 HOH A O   1 
HETATM 687 O  O   . HOH B 2 .  ? -1.388  5.734   8.542   1.00 35.46 ? 108 HOH A O   1 
HETATM 688 O  O   . HOH B 2 .  ? 3.160   16.328  -2.189  1.00 26.61 ? 109 HOH A O   1 
HETATM 689 O  O   . HOH B 2 .  ? -6.436  -5.815  0.842   1.00 21.75 ? 110 HOH A O   1 
HETATM 690 O  O   . HOH B 2 .  ? 6.718   7.498   8.384   1.00 34.94 ? 111 HOH A O   1 
HETATM 691 O  O   . HOH B 2 .  ? 1.304   -15.828 -1.892  1.00 34.03 ? 112 HOH A O   1 
HETATM 692 O  O   . HOH B 2 .  ? -7.250  -6.440  7.149   1.00 31.46 ? 113 HOH A O   1 
HETATM 693 O  O   . HOH B 2 .  ? 3.639   6.919   -10.363 1.00 30.83 ? 114 HOH A O   1 
HETATM 694 O  O   . HOH B 2 .  ? -9.614  -15.235 4.353   1.00 25.39 ? 115 HOH A O   1 
HETATM 695 O  O   . HOH B 2 .  ? 6.646   -4.032  -6.642  1.00 33.94 ? 116 HOH A O   1 
HETATM 696 O  O   . HOH B 2 .  ? 4.891   -5.987  16.872  1.00 32.58 ? 117 HOH A O   1 
HETATM 697 O  O   . HOH B 2 .  ? 2.748   -18.437 1.105   1.00 39.34 ? 118 HOH A O   1 
HETATM 698 O  O   . HOH B 2 .  ? -1.705  -19.734 11.587  1.00 24.98 ? 119 HOH A O   1 
HETATM 699 O  O   . HOH B 2 .  ? 12.488  11.421  -2.211  1.00 42.01 ? 120 HOH A O   1 
HETATM 700 O  O   . HOH B 2 .  ? 12.871  6.108   4.738   1.00 33.68 ? 121 HOH A O   1 
HETATM 701 O  O   . HOH B 2 .  ? -6.283  -7.302  -1.920  1.00 30.36 ? 122 HOH A O   1 
HETATM 702 O  O   . HOH B 2 .  ? 9.657   -5.142  -0.440  1.00 36.20 ? 123 HOH A O   1 
HETATM 703 O  O   . HOH B 2 .  ? 5.911   -6.323  -4.928  1.00 29.46 ? 124 HOH A O   1 
HETATM 704 O  O   . HOH B 2 .  ? 10.560  10.217  2.752   1.00 39.81 ? 125 HOH A O   1 
HETATM 705 O  O   . HOH B 2 .  ? 7.909   2.415   1.650   1.00 27.98 ? 126 HOH A O   1 
HETATM 706 O  O   . HOH B 2 .  ? 11.955  11.941  -14.743 1.00 52.11 ? 127 HOH A O   1 
HETATM 707 O  O   . HOH B 2 .  ? -2.778  -1.195  11.440  1.00 42.57 ? 128 HOH A O   1 
HETATM 708 O  O   . HOH B 2 .  ? 4.238   11.223  2.933   1.00 28.49 ? 129 HOH A O   1 
HETATM 709 O  O   . HOH B 2 .  ? 0.525   -4.251  13.955  1.00 61.31 ? 130 HOH A O   1 
HETATM 710 O  O   . HOH B 2 .  ? -9.515  0.057   -0.364  1.00 38.80 ? 131 HOH A O   1 
HETATM 711 O  O   . HOH B 2 .  ? 8.786   -1.855  -7.857  1.00 42.07 ? 132 HOH A O   1 
HETATM 712 O  O   . HOH B 2 .  ? 8.389   -18.507 1.582   1.00 57.72 ? 133 HOH A O   1 
HETATM 713 O  O   . HOH B 2 .  ? -2.039  -7.225  14.846  1.00 57.81 ? 134 HOH A O   1 
HETATM 714 O  O   . HOH B 2 .  ? -3.367  19.786  -5.121  1.00 59.23 ? 135 HOH A O   1 
HETATM 715 O  O   . HOH B 2 .  ? -6.143  20.664  -11.576 1.00 38.25 ? 136 HOH A O   1 
HETATM 716 O  O   . HOH B 2 .  ? 4.698   7.533   -13.277 1.00 38.68 ? 137 HOH A O   1 
HETATM 717 O  O   . HOH B 2 .  ? 6.917   17.327  -4.035  1.00 40.19 ? 138 HOH A O   1 
HETATM 718 O  O   . HOH B 2 .  ? -6.033  11.998  -1.120  1.00 34.71 ? 139 HOH A O   1 
HETATM 719 O  O   . HOH B 2 .  ? -8.031  -3.562  6.875   1.00 41.73 ? 140 HOH A O   1 
HETATM 720 O  O   . HOH B 2 .  ? 6.732   19.668  -10.159 1.00 41.01 ? 141 HOH A O   1 
HETATM 721 O  O   . HOH B 2 .  ? 7.061   -12.625 4.907   1.00 48.96 ? 142 HOH A O   1 
HETATM 722 O  O   . HOH B 2 .  ? 5.419   -5.313  0.355   1.00 20.47 ? 143 HOH A O   1 
HETATM 723 O  O   . HOH B 2 .  ? 9.636   4.426   0.884   1.00 25.60 ? 144 HOH A O   1 
HETATM 724 O  O   . HOH B 2 .  ? 1.301   1.566   10.565  1.00 34.31 ? 145 HOH A O   1 
HETATM 725 O  O   . HOH B 2 .  ? 2.470   -0.769  11.552  1.00 35.42 ? 146 HOH A O   1 
HETATM 726 O  O   . HOH B 2 .  ? -5.175  -1.438  -8.658  1.00 53.41 ? 147 HOH A O   1 
HETATM 727 O  O   . HOH B 2 .  ? 7.870   -10.020 4.859   1.00 42.23 ? 148 HOH A O   1 
HETATM 728 O  O   . HOH B 2 .  ? -7.064  -8.190  2.659   1.00 34.03 ? 149 HOH A O   1 
HETATM 729 O  O   . HOH B 2 .  ? -6.804  -6.366  -4.583  1.00 44.17 ? 150 HOH A O   1 
HETATM 730 O  O   . HOH B 2 .  ? 6.744   13.845  -12.227 1.00 36.51 ? 151 HOH A O   1 
HETATM 731 O  O   . HOH B 2 .  ? 7.656   -15.151 5.894   1.00 37.00 ? 152 HOH A O   1 
HETATM 732 O  O   . HOH B 2 .  ? -2.226  8.201   6.211   1.00 39.67 ? 153 HOH A O   1 
HETATM 733 O  O   . HOH B 2 .  ? -4.811  4.573   9.112   1.00 37.00 ? 154 HOH A O   1 
HETATM 734 O  O   . HOH B 2 .  ? 6.399   17.150  -14.138 1.00 52.82 ? 155 HOH A O   1 
HETATM 735 O  O   . HOH B 2 .  ? 5.469   3.936   -7.511  1.00 31.31 ? 156 HOH A O   1 
HETATM 736 O  O   . HOH B 2 .  ? -6.437  -16.583 1.406   1.00 38.20 ? 157 HOH A O   1 
HETATM 737 O  O   . HOH B 2 .  ? -0.896  -20.253 -2.365  1.00 45.41 ? 158 HOH A O   1 
HETATM 738 O  O   . HOH B 2 .  ? 7.896   1.940   -1.902  1.00 35.05 ? 159 HOH A O   1 
HETATM 739 O  O   . HOH B 2 .  ? 5.463   -1.336  11.625  1.00 50.51 ? 160 HOH A O   1 
HETATM 740 O  O   . HOH B 2 .  ? -11.378 2.939   8.851   1.00 40.28 ? 161 HOH A O   1 
HETATM 741 O  O   . HOH B 2 .  ? -7.585  7.487   -1.679  1.00 58.24 ? 162 HOH A O   1 
HETATM 742 O  O   . HOH B 2 .  ? -7.632  5.351   -9.889  1.00 52.24 ? 163 HOH A O   1 
HETATM 743 O  O   . HOH B 2 .  ? -0.138  -0.519  11.628  1.00 43.91 ? 164 HOH A O   1 
HETATM 744 O  O   . HOH B 2 .  ? -9.455  -5.456  8.279   1.00 55.27 ? 165 HOH A O   1 
HETATM 745 O  O   . HOH B 2 .  ? -2.933  -22.556 4.957   1.00 46.80 ? 166 HOH A O   1 
HETATM 746 O  O   . HOH B 2 .  ? 11.787  -5.403  0.898   1.00 45.64 ? 167 HOH A O   1 
HETATM 747 O  O   . HOH B 2 .  ? 5.012   -0.072  -7.387  1.00 28.79 ? 168 HOH A O   1 
HETATM 748 O  O   . HOH B 2 .  ? -8.331  -8.547  -5.354  1.00 41.55 ? 169 HOH A O   1 
HETATM 749 O  O   . HOH B 2 .  ? -7.238  -0.774  3.233   1.00 55.62 ? 170 HOH A O   1 
HETATM 750 O  O   . HOH B 2 .  ? -5.144  15.405  -7.722  1.00 36.50 ? 171 HOH A O   1 
HETATM 751 O  O   . HOH B 2 .  ? 8.648   -10.262 11.895  1.00 57.00 ? 172 HOH A O   1 
HETATM 752 O  O   . HOH B 2 .  ? 0.320   -6.841  13.584  1.00 62.71 ? 173 HOH A O   1 
# 
